data_2KJI
#
_entry.id   2KJI
#
_entity_poly.entity_id   1
_entity_poly.type   'polypeptide(L)'
_entity_poly.pdbx_seq_one_letter_code
;GETRACGRKLISLVMAVCGDLCNPQEGKDIATECCGNQCSDDYIRSACCP
;
_entity_poly.pdbx_strand_id   A
#
# COMPACT_ATOMS: atom_id res chain seq x y z
N GLY A 1 5.00 22.58 -0.60
CA GLY A 1 5.90 21.36 -0.43
C GLY A 1 5.41 20.03 -0.89
N GLU A 2 5.71 18.99 -0.15
CA GLU A 2 5.25 17.63 -0.54
C GLU A 2 3.73 17.56 -0.47
N THR A 3 3.12 16.78 -1.32
CA THR A 3 1.64 16.66 -1.30
C THR A 3 1.22 15.46 -0.45
N ARG A 4 0.00 15.04 -0.59
CA ARG A 4 -0.47 13.87 0.19
C ARG A 4 0.25 12.61 -0.29
N ALA A 5 0.35 11.62 0.55
CA ALA A 5 1.02 10.36 0.14
C ALA A 5 0.34 9.22 0.88
N CYS A 6 -0.57 8.58 0.23
CA CYS A 6 -1.32 7.47 0.87
C CYS A 6 -1.42 6.32 -0.13
N GLY A 7 -2.10 6.51 -1.23
CA GLY A 7 -2.15 5.42 -2.23
C GLY A 7 -0.72 5.14 -2.63
N ARG A 8 0.05 6.18 -2.73
CA ARG A 8 1.48 6.04 -3.07
C ARG A 8 2.20 5.42 -1.87
N LYS A 9 1.80 5.82 -0.70
CA LYS A 9 2.44 5.28 0.53
C LYS A 9 2.16 3.78 0.62
N LEU A 10 1.03 3.34 0.14
CA LEU A 10 0.70 1.89 0.21
C LEU A 10 1.69 1.13 -0.67
N ILE A 11 1.97 1.63 -1.85
CA ILE A 11 2.92 0.93 -2.73
C ILE A 11 4.33 1.30 -2.30
N SER A 12 4.48 2.41 -1.63
CA SER A 12 5.84 2.84 -1.19
C SER A 12 6.30 1.96 -0.02
N LEU A 13 5.52 1.89 1.02
CA LEU A 13 5.93 1.06 2.17
C LEU A 13 6.02 -0.41 1.74
N VAL A 14 5.18 -0.84 0.84
CA VAL A 14 5.27 -2.26 0.41
C VAL A 14 6.42 -2.42 -0.58
N MET A 15 6.71 -1.41 -1.35
CA MET A 15 7.84 -1.56 -2.30
C MET A 15 9.05 -2.03 -1.50
N ALA A 16 9.05 -1.78 -0.22
CA ALA A 16 10.18 -2.23 0.64
C ALA A 16 9.81 -3.59 1.25
N VAL A 17 8.54 -3.87 1.35
CA VAL A 17 8.12 -5.17 1.94
C VAL A 17 7.98 -6.21 0.82
N CYS A 18 7.51 -5.81 -0.32
CA CYS A 18 7.35 -6.76 -1.45
C CYS A 18 8.53 -6.60 -2.41
N GLY A 19 9.11 -5.43 -2.47
CA GLY A 19 10.27 -5.22 -3.38
C GLY A 19 9.83 -5.46 -4.82
N ASP A 20 8.72 -4.90 -5.20
CA ASP A 20 8.23 -5.10 -6.59
C ASP A 20 8.15 -6.60 -6.88
N LEU A 21 7.85 -7.38 -5.89
CA LEU A 21 7.75 -8.85 -6.09
C LEU A 21 6.27 -9.25 -6.19
N CYS A 22 5.48 -8.86 -5.24
CA CYS A 22 4.03 -9.21 -5.29
C CYS A 22 3.34 -8.34 -6.35
N ASN A 23 2.53 -7.39 -5.95
CA ASN A 23 1.88 -6.52 -6.96
C ASN A 23 0.86 -5.58 -6.29
N PRO A 24 1.04 -4.31 -6.49
CA PRO A 24 0.13 -3.31 -5.92
C PRO A 24 -1.08 -3.16 -6.85
N GLN A 25 -1.66 -4.27 -7.22
CA GLN A 25 -2.83 -4.26 -8.13
C GLN A 25 -3.97 -3.45 -7.52
N GLU A 26 -4.58 -2.60 -8.31
CA GLU A 26 -5.72 -1.78 -7.79
C GLU A 26 -5.38 -1.25 -6.40
N GLY A 27 -4.59 -0.21 -6.33
CA GLY A 27 -4.23 0.35 -5.00
C GLY A 27 -5.18 1.50 -4.66
N LYS A 28 -6.26 1.62 -5.38
CA LYS A 28 -7.23 2.73 -5.09
C LYS A 28 -8.31 2.24 -4.14
N ASP A 29 -7.91 1.60 -3.07
CA ASP A 29 -8.90 1.09 -2.09
C ASP A 29 -8.17 0.68 -0.82
N ILE A 30 -7.31 -0.31 -0.91
CA ILE A 30 -6.55 -0.74 0.29
C ILE A 30 -5.91 0.49 0.92
N ALA A 31 -5.50 1.41 0.10
CA ALA A 31 -4.87 2.65 0.61
C ALA A 31 -5.93 3.55 1.24
N THR A 32 -7.17 3.16 1.18
CA THR A 32 -8.25 3.99 1.77
C THR A 32 -8.23 3.83 3.29
N GLU A 33 -7.65 2.77 3.76
CA GLU A 33 -7.59 2.52 5.23
C GLU A 33 -6.16 2.78 5.72
N CYS A 34 -5.19 2.65 4.86
CA CYS A 34 -3.78 2.87 5.31
C CYS A 34 -3.37 4.34 5.11
N CYS A 35 -4.17 5.10 4.40
CA CYS A 35 -3.81 6.53 4.20
C CYS A 35 -3.46 7.14 5.56
N GLY A 36 -3.98 6.56 6.60
CA GLY A 36 -3.70 7.08 7.98
C GLY A 36 -4.71 6.49 8.96
N ASN A 37 -4.88 5.21 8.94
CA ASN A 37 -5.86 4.58 9.88
C ASN A 37 -5.43 3.14 10.21
N GLN A 38 -5.85 2.19 9.42
CA GLN A 38 -5.49 0.77 9.70
C GLN A 38 -4.39 0.30 8.75
N CYS A 39 -3.47 -0.48 9.26
CA CYS A 39 -2.36 -1.01 8.40
C CYS A 39 -1.81 -2.28 9.06
N SER A 40 -0.97 -3.01 8.37
CA SER A 40 -0.39 -4.24 8.98
C SER A 40 0.19 -5.13 7.88
N ASP A 41 1.18 -5.93 8.21
CA ASP A 41 1.78 -6.82 7.19
C ASP A 41 0.68 -7.63 6.50
N ASP A 42 -0.26 -8.13 7.26
CA ASP A 42 -1.37 -8.91 6.66
C ASP A 42 -2.11 -8.02 5.66
N TYR A 43 -2.35 -6.80 6.03
CA TYR A 43 -3.06 -5.87 5.11
C TYR A 43 -2.22 -5.69 3.85
N ILE A 44 -0.93 -5.72 3.99
CA ILE A 44 -0.03 -5.55 2.81
C ILE A 44 -0.28 -6.71 1.83
N ARG A 45 -0.40 -7.90 2.33
CA ARG A 45 -0.63 -9.07 1.44
C ARG A 45 -1.74 -8.75 0.45
N SER A 46 -2.85 -8.25 0.93
CA SER A 46 -3.98 -7.94 0.01
C SER A 46 -3.68 -6.67 -0.78
N ALA A 47 -2.60 -6.00 -0.47
CA ALA A 47 -2.25 -4.75 -1.23
C ALA A 47 -1.13 -5.10 -2.20
N CYS A 48 -0.38 -6.10 -1.88
CA CYS A 48 0.73 -6.56 -2.76
C CYS A 48 0.30 -7.83 -3.48
N CYS A 49 -0.36 -8.72 -2.79
CA CYS A 49 -0.78 -9.99 -3.44
C CYS A 49 -2.06 -10.50 -2.78
N PRO A 50 -3.15 -9.83 -3.07
CA PRO A 50 -4.47 -10.18 -2.54
C PRO A 50 -5.06 -11.37 -3.32
N GLY A 1 -0.81 22.34 3.71
CA GLY A 1 0.24 21.61 4.55
C GLY A 1 0.87 20.38 4.02
N GLU A 2 0.85 19.32 4.77
CA GLU A 2 1.48 18.05 4.29
C GLU A 2 0.79 17.61 3.00
N THR A 3 1.50 16.96 2.13
CA THR A 3 0.90 16.49 0.85
C THR A 3 0.04 15.25 1.11
N ARG A 4 -0.34 14.57 0.07
CA ARG A 4 -1.16 13.35 0.24
C ARG A 4 -0.29 12.11 0.03
N ALA A 5 -0.70 10.99 0.54
CA ALA A 5 0.08 9.75 0.37
C ALA A 5 -0.83 8.59 0.74
N CYS A 6 -1.33 7.91 -0.24
CA CYS A 6 -2.24 6.76 0.03
C CYS A 6 -1.86 5.58 -0.88
N GLY A 7 -2.27 5.58 -2.11
CA GLY A 7 -1.86 4.46 -2.99
C GLY A 7 -0.35 4.43 -3.00
N ARG A 8 0.25 5.59 -2.94
CA ARG A 8 1.73 5.66 -2.92
C ARG A 8 2.23 5.14 -1.58
N LYS A 9 1.65 5.61 -0.51
CA LYS A 9 2.10 5.13 0.84
C LYS A 9 1.97 3.61 0.89
N LEU A 10 1.04 3.06 0.17
CA LEU A 10 0.87 1.59 0.18
C LEU A 10 1.95 0.95 -0.68
N ILE A 11 2.17 1.46 -1.86
CA ILE A 11 3.21 0.88 -2.72
C ILE A 11 4.57 1.34 -2.21
N SER A 12 4.59 2.38 -1.42
CA SER A 12 5.89 2.89 -0.90
C SER A 12 6.38 1.96 0.22
N LEU A 13 5.62 1.85 1.27
CA LEU A 13 6.05 0.97 2.38
C LEU A 13 6.21 -0.45 1.87
N VAL A 14 5.34 -0.90 1.00
CA VAL A 14 5.48 -2.29 0.49
C VAL A 14 6.65 -2.38 -0.48
N MET A 15 6.95 -1.36 -1.22
CA MET A 15 8.11 -1.47 -2.13
C MET A 15 9.29 -1.99 -1.32
N ALA A 16 9.25 -1.76 -0.03
CA ALA A 16 10.34 -2.26 0.85
C ALA A 16 9.98 -3.69 1.30
N VAL A 17 8.71 -4.00 1.35
CA VAL A 17 8.29 -5.36 1.78
C VAL A 17 8.11 -6.27 0.55
N CYS A 18 7.50 -5.77 -0.49
CA CYS A 18 7.29 -6.60 -1.71
C CYS A 18 8.43 -6.37 -2.69
N GLY A 19 9.12 -5.27 -2.59
CA GLY A 19 10.25 -4.99 -3.52
C GLY A 19 9.75 -5.10 -4.96
N ASP A 20 8.51 -4.74 -5.19
CA ASP A 20 7.94 -4.81 -6.56
C ASP A 20 7.86 -6.28 -6.99
N LEU A 21 7.46 -7.14 -6.09
CA LEU A 21 7.36 -8.58 -6.44
C LEU A 21 5.88 -8.99 -6.43
N CYS A 22 5.19 -8.74 -5.35
CA CYS A 22 3.74 -9.10 -5.29
C CYS A 22 2.96 -8.20 -6.24
N ASN A 23 3.32 -6.93 -6.29
CA ASN A 23 2.63 -5.98 -7.22
C ASN A 23 1.30 -5.46 -6.65
N PRO A 24 1.30 -4.23 -6.24
CA PRO A 24 0.09 -3.58 -5.72
C PRO A 24 -0.76 -3.06 -6.89
N GLN A 25 -1.59 -3.89 -7.45
CA GLN A 25 -2.42 -3.46 -8.61
C GLN A 25 -2.92 -2.03 -8.42
N GLU A 26 -3.17 -1.34 -9.50
CA GLU A 26 -3.66 0.07 -9.37
C GLU A 26 -5.18 0.07 -9.38
N GLY A 27 -5.77 -0.86 -8.69
CA GLY A 27 -7.25 -0.95 -8.62
C GLY A 27 -7.59 -1.53 -7.24
N LYS A 28 -6.70 -1.37 -6.31
CA LYS A 28 -6.93 -1.90 -4.94
C LYS A 28 -7.88 -1.01 -4.15
N ASP A 29 -7.88 -1.19 -2.87
CA ASP A 29 -8.77 -0.38 -1.98
C ASP A 29 -8.14 -0.33 -0.59
N ILE A 30 -7.47 -1.39 -0.20
CA ILE A 30 -6.81 -1.42 1.14
C ILE A 30 -6.10 -0.10 1.37
N ALA A 31 -5.52 0.44 0.35
CA ALA A 31 -4.80 1.74 0.48
C ALA A 31 -5.77 2.83 0.95
N THR A 32 -7.04 2.56 0.89
CA THR A 32 -8.03 3.59 1.33
C THR A 32 -7.98 3.72 2.85
N GLU A 33 -7.46 2.74 3.52
CA GLU A 33 -7.39 2.80 5.01
C GLU A 33 -5.95 3.10 5.45
N CYS A 34 -5.00 2.86 4.59
CA CYS A 34 -3.58 3.13 4.97
C CYS A 34 -3.21 4.58 4.66
N CYS A 35 -4.16 5.37 4.21
CA CYS A 35 -3.85 6.81 3.92
C CYS A 35 -3.04 7.38 5.08
N GLY A 36 -3.20 6.82 6.25
CA GLY A 36 -2.45 7.31 7.43
C GLY A 36 -3.28 7.08 8.69
N ASN A 37 -3.85 5.91 8.83
CA ASN A 37 -4.68 5.63 10.03
C ASN A 37 -4.73 4.12 10.28
N GLN A 38 -5.14 3.35 9.30
CA GLN A 38 -5.22 1.88 9.50
C GLN A 38 -4.22 1.17 8.57
N CYS A 39 -3.43 0.30 9.10
CA CYS A 39 -2.44 -0.44 8.27
C CYS A 39 -2.08 -1.76 8.97
N SER A 40 -1.29 -2.58 8.34
CA SER A 40 -0.91 -3.87 8.99
C SER A 40 -0.13 -4.74 7.98
N ASP A 41 0.81 -5.51 8.46
CA ASP A 41 1.60 -6.38 7.56
C ASP A 41 0.66 -7.32 6.80
N ASP A 42 -0.28 -7.91 7.48
CA ASP A 42 -1.22 -8.83 6.79
C ASP A 42 -2.10 -8.02 5.85
N TYR A 43 -2.30 -6.77 6.17
CA TYR A 43 -3.14 -5.89 5.30
C TYR A 43 -2.36 -5.57 4.02
N ILE A 44 -1.08 -5.76 4.03
CA ILE A 44 -0.26 -5.46 2.82
C ILE A 44 -0.46 -6.58 1.79
N ARG A 45 -0.67 -7.79 2.25
CA ARG A 45 -0.87 -8.92 1.29
C ARG A 45 -1.94 -8.55 0.27
N SER A 46 -3.06 -8.02 0.72
CA SER A 46 -4.14 -7.66 -0.24
C SER A 46 -3.79 -6.35 -0.96
N ALA A 47 -2.73 -5.70 -0.56
CA ALA A 47 -2.34 -4.43 -1.25
C ALA A 47 -1.15 -4.73 -2.18
N CYS A 48 -0.53 -5.86 -2.00
CA CYS A 48 0.61 -6.27 -2.86
C CYS A 48 0.21 -7.48 -3.69
N CYS A 49 -0.58 -8.36 -3.13
CA CYS A 49 -1.01 -9.55 -3.91
C CYS A 49 -2.30 -10.13 -3.30
N PRO A 50 -3.38 -9.43 -3.50
CA PRO A 50 -4.71 -9.83 -3.00
C PRO A 50 -5.30 -10.94 -3.89
N GLY A 1 6.10 21.47 -0.73
CA GLY A 1 6.69 20.22 -1.40
C GLY A 1 6.14 18.87 -1.06
N GLU A 2 5.53 18.74 0.07
CA GLU A 2 4.95 17.43 0.47
C GLU A 2 3.42 17.48 0.36
N THR A 3 2.80 16.36 0.14
CA THR A 3 1.31 16.35 0.02
C THR A 3 0.77 15.02 0.52
N ARG A 4 -0.45 14.71 0.19
CA ARG A 4 -1.06 13.44 0.64
C ARG A 4 -0.26 12.26 0.08
N ALA A 5 -0.80 11.08 0.19
CA ALA A 5 -0.10 9.87 -0.31
C ALA A 5 -0.79 8.66 0.30
N CYS A 6 -1.44 7.89 -0.51
CA CYS A 6 -2.17 6.71 0.02
C CYS A 6 -1.94 5.52 -0.91
N GLY A 7 -2.54 5.51 -2.07
CA GLY A 7 -2.29 4.38 -2.99
C GLY A 7 -0.79 4.27 -3.15
N ARG A 8 -0.15 5.40 -3.26
CA ARG A 8 1.32 5.40 -3.41
C ARG A 8 1.94 4.95 -2.09
N LYS A 9 1.51 5.51 -1.00
CA LYS A 9 2.06 5.12 0.32
C LYS A 9 1.94 3.60 0.47
N LEU A 10 0.90 3.02 -0.07
CA LEU A 10 0.71 1.57 0.06
C LEU A 10 1.77 0.85 -0.79
N ILE A 11 1.91 1.24 -2.02
CA ILE A 11 2.93 0.59 -2.88
C ILE A 11 4.31 1.08 -2.47
N SER A 12 4.37 2.20 -1.81
CA SER A 12 5.69 2.74 -1.38
C SER A 12 6.18 1.97 -0.15
N LEU A 13 5.40 1.95 0.90
CA LEU A 13 5.82 1.22 2.11
C LEU A 13 5.99 -0.26 1.78
N VAL A 14 5.12 -0.83 0.98
CA VAL A 14 5.26 -2.27 0.65
C VAL A 14 6.46 -2.49 -0.24
N MET A 15 6.74 -1.59 -1.15
CA MET A 15 7.93 -1.79 -2.01
C MET A 15 9.09 -2.17 -1.11
N ALA A 16 9.06 -1.73 0.12
CA ALA A 16 10.13 -2.08 1.09
C ALA A 16 9.80 -3.42 1.75
N VAL A 17 8.53 -3.76 1.84
CA VAL A 17 8.15 -5.06 2.46
C VAL A 17 8.12 -6.12 1.37
N CYS A 18 7.48 -5.83 0.28
CA CYS A 18 7.41 -6.80 -0.85
C CYS A 18 8.74 -6.75 -1.60
N GLY A 19 9.04 -5.68 -2.27
CA GLY A 19 10.34 -5.60 -3.00
C GLY A 19 10.19 -6.21 -4.39
N ASP A 20 9.19 -7.03 -4.56
CA ASP A 20 8.98 -7.65 -5.90
C ASP A 20 7.81 -6.94 -6.57
N LEU A 21 7.40 -5.82 -6.03
CA LEU A 21 6.27 -5.08 -6.65
C LEU A 21 5.17 -6.08 -6.97
N CYS A 22 4.83 -6.90 -6.01
CA CYS A 22 3.78 -7.94 -6.20
C CYS A 22 2.68 -7.43 -7.12
N ASN A 23 1.78 -6.60 -6.63
CA ASN A 23 0.69 -6.10 -7.51
C ASN A 23 -0.12 -5.02 -6.78
N PRO A 24 0.40 -3.82 -6.81
CA PRO A 24 -0.24 -2.66 -6.17
C PRO A 24 -1.35 -2.09 -7.07
N GLN A 25 -2.45 -2.78 -7.17
CA GLN A 25 -3.56 -2.28 -8.03
C GLN A 25 -3.91 -0.84 -7.62
N GLU A 26 -4.71 -0.16 -8.41
CA GLU A 26 -5.09 1.23 -8.06
C GLU A 26 -6.62 1.33 -7.97
N GLY A 27 -7.20 0.70 -6.99
CA GLY A 27 -8.68 0.75 -6.84
C GLY A 27 -9.06 1.66 -5.67
N LYS A 28 -8.13 2.46 -5.20
CA LYS A 28 -8.43 3.36 -4.06
C LYS A 28 -9.20 2.60 -2.98
N ASP A 29 -8.71 1.46 -2.59
CA ASP A 29 -9.42 0.68 -1.54
C ASP A 29 -8.44 0.33 -0.42
N ILE A 30 -7.64 -0.69 -0.59
CA ILE A 30 -6.66 -1.06 0.45
C ILE A 30 -5.90 0.19 0.88
N ALA A 31 -5.66 1.06 -0.05
CA ALA A 31 -4.91 2.31 0.25
C ALA A 31 -5.85 3.33 0.90
N THR A 32 -7.11 3.00 1.01
CA THR A 32 -8.07 3.96 1.64
C THR A 32 -7.96 3.89 3.16
N GLU A 33 -7.38 2.82 3.66
CA GLU A 33 -7.24 2.67 5.13
C GLU A 33 -5.79 2.93 5.55
N CYS A 34 -4.85 2.66 4.67
CA CYS A 34 -3.42 2.88 5.02
C CYS A 34 -3.04 4.35 4.80
N CYS A 35 -3.99 5.18 4.46
CA CYS A 35 -3.67 6.63 4.26
C CYS A 35 -2.87 7.13 5.45
N GLY A 36 -3.01 6.48 6.58
CA GLY A 36 -2.26 6.91 7.80
C GLY A 36 -3.11 6.62 9.03
N ASN A 37 -3.63 5.43 9.15
CA ASN A 37 -4.47 5.10 10.34
C ASN A 37 -4.54 3.57 10.53
N GLN A 38 -4.72 2.84 9.46
CA GLN A 38 -4.82 1.36 9.61
C GLN A 38 -3.90 0.67 8.60
N CYS A 39 -3.04 -0.19 9.07
CA CYS A 39 -2.11 -0.93 8.16
C CYS A 39 -1.67 -2.22 8.86
N SER A 40 -0.79 -2.97 8.26
CA SER A 40 -0.32 -4.24 8.90
C SER A 40 0.37 -5.12 7.87
N ASP A 41 1.31 -5.91 8.29
CA ASP A 41 2.02 -6.81 7.36
C ASP A 41 1.00 -7.68 6.63
N ASP A 42 0.03 -8.19 7.33
CA ASP A 42 -1.00 -9.04 6.67
C ASP A 42 -1.78 -8.20 5.66
N TYR A 43 -2.19 -7.02 6.04
CA TYR A 43 -2.94 -6.15 5.08
C TYR A 43 -2.11 -6.01 3.81
N ILE A 44 -0.84 -5.84 3.96
CA ILE A 44 0.04 -5.69 2.77
C ILE A 44 -0.27 -6.80 1.76
N ARG A 45 -0.45 -8.00 2.22
CA ARG A 45 -0.76 -9.12 1.30
C ARG A 45 -1.83 -8.66 0.31
N SER A 46 -2.93 -8.17 0.80
CA SER A 46 -4.03 -7.72 -0.11
C SER A 46 -3.67 -6.36 -0.72
N ALA A 47 -2.51 -5.84 -0.42
CA ALA A 47 -2.11 -4.54 -1.01
C ALA A 47 -1.00 -4.82 -2.03
N CYS A 48 -0.28 -5.88 -1.81
CA CYS A 48 0.79 -6.28 -2.75
C CYS A 48 0.24 -7.41 -3.63
N CYS A 49 -0.22 -8.47 -3.03
CA CYS A 49 -0.78 -9.60 -3.84
C CYS A 49 -2.10 -10.09 -3.23
N PRO A 50 -3.14 -9.31 -3.46
CA PRO A 50 -4.48 -9.63 -2.95
C PRO A 50 -5.14 -10.69 -3.84
N GLY A 1 4.84 14.19 -6.90
CA GLY A 1 3.99 15.46 -6.91
C GLY A 1 2.76 15.53 -6.08
N GLU A 2 1.97 14.49 -6.08
CA GLU A 2 0.73 14.49 -5.28
C GLU A 2 1.05 14.77 -3.82
N THR A 3 0.30 15.63 -3.18
CA THR A 3 0.56 15.95 -1.75
C THR A 3 0.36 14.70 -0.91
N ARG A 4 0.27 14.88 0.39
CA ARG A 4 0.06 13.73 1.30
C ARG A 4 0.80 12.50 0.78
N ALA A 5 0.33 11.33 1.12
CA ALA A 5 0.98 10.09 0.67
C ALA A 5 0.18 8.93 1.24
N CYS A 6 -0.61 8.30 0.43
CA CYS A 6 -1.44 7.17 0.90
C CYS A 6 -1.41 6.05 -0.14
N GLY A 7 -2.09 6.22 -1.24
CA GLY A 7 -2.05 5.17 -2.28
C GLY A 7 -0.59 4.97 -2.61
N ARG A 8 0.13 6.05 -2.64
CA ARG A 8 1.58 5.96 -2.93
C ARG A 8 2.27 5.39 -1.69
N LYS A 9 1.79 5.74 -0.53
CA LYS A 9 2.40 5.21 0.72
C LYS A 9 2.17 3.70 0.79
N LEU A 10 1.09 3.24 0.23
CA LEU A 10 0.82 1.78 0.26
C LEU A 10 1.85 1.06 -0.61
N ILE A 11 2.16 1.61 -1.75
CA ILE A 11 3.16 0.97 -2.62
C ILE A 11 4.56 1.37 -2.15
N SER A 12 4.67 2.49 -1.50
CA SER A 12 6.00 2.93 -1.01
C SER A 12 6.47 2.01 0.12
N LEU A 13 5.70 1.90 1.16
CA LEU A 13 6.11 1.03 2.29
C LEU A 13 6.22 -0.42 1.82
N VAL A 14 5.37 -0.84 0.92
CA VAL A 14 5.47 -2.25 0.46
C VAL A 14 6.61 -2.38 -0.54
N MET A 15 6.89 -1.36 -1.30
CA MET A 15 8.02 -1.48 -2.25
C MET A 15 9.23 -2.00 -1.47
N ALA A 16 9.25 -1.76 -0.19
CA ALA A 16 10.38 -2.25 0.63
C ALA A 16 10.01 -3.61 1.21
N VAL A 17 8.73 -3.89 1.31
CA VAL A 17 8.29 -5.20 1.87
C VAL A 17 8.11 -6.22 0.73
N CYS A 18 7.59 -5.79 -0.38
CA CYS A 18 7.39 -6.73 -1.52
C CYS A 18 8.54 -6.58 -2.52
N GLY A 19 9.21 -5.46 -2.49
CA GLY A 19 10.34 -5.25 -3.46
C GLY A 19 9.81 -5.34 -4.88
N ASP A 20 8.56 -5.03 -5.08
CA ASP A 20 7.98 -5.10 -6.45
C ASP A 20 7.93 -6.56 -6.91
N LEU A 21 7.24 -7.39 -6.18
CA LEU A 21 7.16 -8.82 -6.57
C LEU A 21 5.71 -9.29 -6.46
N CYS A 22 5.08 -9.09 -5.33
CA CYS A 22 3.67 -9.54 -5.17
C CYS A 22 2.80 -8.84 -6.21
N ASN A 23 2.53 -7.57 -6.04
CA ASN A 23 1.67 -6.86 -7.04
C ASN A 23 1.18 -5.53 -6.43
N PRO A 24 1.89 -4.48 -6.74
CA PRO A 24 1.56 -3.13 -6.25
C PRO A 24 0.39 -2.54 -7.03
N GLN A 25 -0.76 -3.13 -6.93
CA GLN A 25 -1.95 -2.61 -7.68
C GLN A 25 -2.37 -1.27 -7.09
N GLU A 26 -3.08 -0.48 -7.85
CA GLU A 26 -3.53 0.85 -7.33
C GLU A 26 -5.01 1.04 -7.64
N GLY A 27 -5.87 0.35 -6.93
CA GLY A 27 -7.33 0.49 -7.18
C GLY A 27 -7.93 1.46 -6.16
N LYS A 28 -7.12 2.30 -5.58
CA LYS A 28 -7.64 3.27 -4.58
C LYS A 28 -8.61 2.56 -3.63
N ASP A 29 -8.20 1.46 -3.07
CA ASP A 29 -9.09 0.71 -2.14
C ASP A 29 -8.30 0.33 -0.89
N ILE A 30 -7.38 -0.59 -1.01
CA ILE A 30 -6.57 -1.00 0.16
C ILE A 30 -5.92 0.23 0.77
N ALA A 31 -5.49 1.14 -0.06
CA ALA A 31 -4.84 2.37 0.45
C ALA A 31 -5.91 3.32 1.03
N THR A 32 -7.15 2.95 0.95
CA THR A 32 -8.23 3.83 1.49
C THR A 32 -8.26 3.69 3.01
N GLU A 33 -7.70 2.64 3.53
CA GLU A 33 -7.71 2.44 5.01
C GLU A 33 -6.32 2.73 5.58
N CYS A 34 -5.29 2.44 4.82
CA CYS A 34 -3.91 2.69 5.32
C CYS A 34 -3.58 4.17 5.17
N CYS A 35 -4.36 4.89 4.40
CA CYS A 35 -4.10 6.35 4.22
C CYS A 35 -4.01 7.03 5.59
N GLY A 36 -4.55 6.39 6.60
CA GLY A 36 -4.50 7.00 7.96
C GLY A 36 -5.58 6.36 8.84
N ASN A 37 -5.60 5.06 8.92
CA ASN A 37 -6.63 4.38 9.76
C ASN A 37 -6.12 3.00 10.19
N GLN A 38 -6.08 2.06 9.28
CA GLN A 38 -5.59 0.70 9.64
C GLN A 38 -4.45 0.30 8.70
N CYS A 39 -3.59 -0.57 9.13
CA CYS A 39 -2.46 -1.01 8.26
C CYS A 39 -1.61 -2.03 9.01
N SER A 40 -1.06 -3.00 8.33
CA SER A 40 -0.23 -4.02 9.02
C SER A 40 0.42 -4.94 7.98
N ASP A 41 1.39 -5.71 8.39
CA ASP A 41 2.06 -6.63 7.44
C ASP A 41 1.02 -7.50 6.72
N ASP A 42 -0.02 -7.87 7.41
CA ASP A 42 -1.07 -8.71 6.77
C ASP A 42 -1.83 -7.86 5.74
N TYR A 43 -2.26 -6.70 6.13
CA TYR A 43 -2.99 -5.82 5.18
C TYR A 43 -2.20 -5.72 3.88
N ILE A 44 -0.90 -5.58 3.99
CA ILE A 44 -0.04 -5.48 2.78
C ILE A 44 -0.40 -6.61 1.80
N ARG A 45 -0.63 -7.79 2.29
CA ARG A 45 -0.98 -8.92 1.38
C ARG A 45 -2.02 -8.46 0.36
N SER A 46 -3.10 -7.89 0.82
CA SER A 46 -4.16 -7.42 -0.13
C SER A 46 -3.71 -6.14 -0.82
N ALA A 47 -2.60 -5.59 -0.43
CA ALA A 47 -2.11 -4.34 -1.09
C ALA A 47 -1.00 -4.73 -2.07
N CYS A 48 -0.37 -5.83 -1.82
CA CYS A 48 0.72 -6.30 -2.72
C CYS A 48 0.22 -7.51 -3.51
N CYS A 49 -0.58 -8.34 -2.90
CA CYS A 49 -1.09 -9.53 -3.64
C CYS A 49 -2.43 -9.97 -3.05
N PRO A 50 -3.45 -9.17 -3.31
CA PRO A 50 -4.81 -9.44 -2.84
C PRO A 50 -5.49 -10.50 -3.72
N GLY A 1 3.16 18.16 -8.93
CA GLY A 1 3.57 18.88 -7.64
C GLY A 1 3.02 18.41 -6.34
N GLU A 2 2.48 19.30 -5.55
CA GLU A 2 1.92 18.90 -4.23
C GLU A 2 0.92 17.77 -4.45
N THR A 3 1.19 16.61 -3.90
CA THR A 3 0.24 15.47 -4.07
C THR A 3 0.03 14.77 -2.73
N ARG A 4 -0.55 13.60 -2.76
CA ARG A 4 -0.80 12.86 -1.49
C ARG A 4 0.02 11.57 -1.49
N ALA A 5 0.42 11.11 -0.33
CA ALA A 5 1.19 9.86 -0.25
C ALA A 5 0.29 8.81 0.38
N CYS A 6 -0.52 8.23 -0.44
CA CYS A 6 -1.47 7.20 0.05
C CYS A 6 -1.46 6.01 -0.91
N GLY A 7 -2.07 6.13 -2.06
CA GLY A 7 -2.02 4.99 -3.01
C GLY A 7 -0.55 4.72 -3.24
N ARG A 8 0.21 5.77 -3.37
CA ARG A 8 1.66 5.62 -3.56
C ARG A 8 2.27 5.16 -2.23
N LYS A 9 1.81 5.73 -1.15
CA LYS A 9 2.33 5.35 0.18
C LYS A 9 2.10 3.85 0.41
N LEU A 10 1.05 3.31 -0.15
CA LEU A 10 0.79 1.87 0.03
C LEU A 10 1.84 1.08 -0.74
N ILE A 11 2.09 1.45 -1.96
CA ILE A 11 3.11 0.73 -2.76
C ILE A 11 4.50 1.18 -2.28
N SER A 12 4.57 2.25 -1.56
CA SER A 12 5.89 2.74 -1.08
C SER A 12 6.38 1.86 0.08
N LEU A 13 5.65 1.83 1.17
CA LEU A 13 6.09 1.01 2.32
C LEU A 13 6.17 -0.47 1.90
N VAL A 14 5.31 -0.92 1.03
CA VAL A 14 5.39 -2.34 0.61
C VAL A 14 6.56 -2.54 -0.35
N MET A 15 6.87 -1.56 -1.16
CA MET A 15 8.00 -1.74 -2.08
C MET A 15 9.19 -2.23 -1.26
N ALA A 16 9.20 -1.94 0.01
CA ALA A 16 10.30 -2.41 0.88
C ALA A 16 9.91 -3.76 1.48
N VAL A 17 8.62 -4.02 1.57
CA VAL A 17 8.15 -5.31 2.15
C VAL A 17 8.01 -6.35 1.03
N CYS A 18 7.53 -5.94 -0.12
CA CYS A 18 7.36 -6.90 -1.24
C CYS A 18 8.55 -6.79 -2.20
N GLY A 19 9.14 -5.64 -2.29
CA GLY A 19 10.31 -5.48 -3.21
C GLY A 19 9.81 -5.23 -4.63
N ASP A 20 8.62 -4.73 -4.77
CA ASP A 20 8.08 -4.47 -6.14
C ASP A 20 7.97 -5.78 -6.91
N LEU A 21 7.45 -6.81 -6.29
CA LEU A 21 7.31 -8.11 -6.98
C LEU A 21 5.88 -8.63 -6.84
N CYS A 22 5.25 -8.37 -5.73
CA CYS A 22 3.86 -8.85 -5.53
C CYS A 22 2.96 -8.28 -6.63
N ASN A 23 2.45 -7.08 -6.44
CA ASN A 23 1.57 -6.49 -7.48
C ASN A 23 0.82 -5.28 -6.92
N PRO A 24 1.36 -4.11 -7.17
CA PRO A 24 0.76 -2.85 -6.70
C PRO A 24 -0.41 -2.45 -7.62
N GLN A 25 -1.45 -3.25 -7.65
CA GLN A 25 -2.60 -2.94 -8.52
C GLN A 25 -3.26 -1.62 -8.09
N GLU A 26 -3.86 -0.92 -9.00
CA GLU A 26 -4.52 0.37 -8.66
C GLU A 26 -5.92 0.08 -8.12
N GLY A 27 -6.03 -0.83 -7.21
CA GLY A 27 -7.37 -1.15 -6.62
C GLY A 27 -7.66 -0.15 -5.51
N LYS A 28 -7.53 1.12 -5.80
CA LYS A 28 -7.79 2.19 -4.79
C LYS A 28 -8.81 1.72 -3.75
N ASP A 29 -8.32 1.14 -2.69
CA ASP A 29 -9.21 0.65 -1.61
C ASP A 29 -8.34 0.32 -0.40
N ILE A 30 -7.52 -0.68 -0.51
CA ILE A 30 -6.61 -1.02 0.60
C ILE A 30 -5.88 0.25 1.05
N ALA A 31 -5.60 1.10 0.11
CA ALA A 31 -4.90 2.38 0.43
C ALA A 31 -5.89 3.36 1.06
N THR A 32 -7.15 3.05 1.03
CA THR A 32 -8.15 3.97 1.62
C THR A 32 -8.17 3.81 3.14
N GLU A 33 -7.68 2.71 3.63
CA GLU A 33 -7.65 2.47 5.09
C GLU A 33 -6.23 2.62 5.63
N CYS A 34 -5.25 2.52 4.78
CA CYS A 34 -3.84 2.64 5.22
C CYS A 34 -3.36 4.09 5.07
N CYS A 35 -4.21 4.96 4.57
CA CYS A 35 -3.80 6.38 4.40
C CYS A 35 -3.28 6.92 5.73
N GLY A 36 -3.63 6.28 6.81
CA GLY A 36 -3.17 6.74 8.15
C GLY A 36 -4.18 6.33 9.21
N ASN A 37 -4.76 5.17 9.09
CA ASN A 37 -5.76 4.72 10.11
C ASN A 37 -5.53 3.23 10.40
N GLN A 38 -5.62 2.40 9.40
CA GLN A 38 -5.42 0.94 9.63
C GLN A 38 -4.36 0.43 8.66
N CYS A 39 -3.43 -0.36 9.14
CA CYS A 39 -2.37 -0.90 8.25
C CYS A 39 -1.56 -1.95 9.01
N SER A 40 -1.06 -2.95 8.33
CA SER A 40 -0.28 -4.00 9.02
C SER A 40 0.34 -4.94 7.97
N ASP A 41 1.30 -5.73 8.37
CA ASP A 41 1.95 -6.66 7.41
C ASP A 41 0.87 -7.49 6.72
N ASP A 42 -0.15 -7.87 7.43
CA ASP A 42 -1.23 -8.69 6.81
C ASP A 42 -1.95 -7.84 5.76
N TYR A 43 -2.31 -6.64 6.10
CA TYR A 43 -3.02 -5.76 5.12
C TYR A 43 -2.21 -5.73 3.83
N ILE A 44 -0.92 -5.60 3.94
CA ILE A 44 -0.06 -5.55 2.73
C ILE A 44 -0.41 -6.71 1.80
N ARG A 45 -0.69 -7.87 2.35
CA ARG A 45 -1.04 -9.04 1.49
C ARG A 45 -2.04 -8.60 0.42
N SER A 46 -3.15 -8.03 0.81
CA SER A 46 -4.17 -7.60 -0.19
C SER A 46 -3.73 -6.30 -0.85
N ALA A 47 -2.60 -5.77 -0.48
CA ALA A 47 -2.12 -4.52 -1.10
C ALA A 47 -0.97 -4.87 -2.06
N CYS A 48 -0.34 -5.98 -1.80
CA CYS A 48 0.76 -6.44 -2.67
C CYS A 48 0.28 -7.69 -3.45
N CYS A 49 -0.31 -8.63 -2.76
CA CYS A 49 -0.81 -9.84 -3.47
C CYS A 49 -2.20 -10.22 -2.96
N PRO A 50 -3.17 -9.41 -3.31
CA PRO A 50 -4.57 -9.63 -2.94
C PRO A 50 -5.21 -10.70 -3.83
N GLY A 1 6.19 21.36 -3.01
CA GLY A 1 6.35 20.35 -1.86
C GLY A 1 5.82 18.98 -2.03
N GLU A 2 5.96 18.15 -1.03
CA GLU A 2 5.46 16.76 -1.12
C GLU A 2 3.95 16.79 -1.37
N THR A 3 3.44 15.83 -2.10
CA THR A 3 1.98 15.80 -2.38
C THR A 3 1.32 14.71 -1.54
N ARG A 4 0.13 14.35 -1.89
CA ARG A 4 -0.58 13.29 -1.12
C ARG A 4 0.26 12.01 -1.11
N ALA A 5 0.14 11.23 -0.08
CA ALA A 5 0.92 9.97 -0.01
C ALA A 5 -0.04 8.87 0.39
N CYS A 6 -0.66 8.28 -0.58
CA CYS A 6 -1.64 7.21 -0.29
C CYS A 6 -1.46 6.04 -1.26
N GLY A 7 -1.96 6.13 -2.45
CA GLY A 7 -1.77 5.00 -3.41
C GLY A 7 -0.30 4.68 -3.40
N ARG A 8 0.50 5.71 -3.41
CA ARG A 8 1.95 5.51 -3.35
C ARG A 8 2.31 4.95 -1.98
N LYS A 9 1.94 5.67 -0.97
CA LYS A 9 2.23 5.21 0.43
C LYS A 9 1.99 3.72 0.54
N LEU A 10 0.99 3.22 -0.13
CA LEU A 10 0.69 1.77 -0.04
C LEU A 10 1.77 0.98 -0.78
N ILE A 11 2.07 1.34 -1.99
CA ILE A 11 3.11 0.61 -2.74
C ILE A 11 4.48 1.07 -2.25
N SER A 12 4.53 2.16 -1.54
CA SER A 12 5.84 2.67 -1.04
C SER A 12 6.30 1.83 0.15
N LEU A 13 5.53 1.79 1.20
CA LEU A 13 5.94 0.99 2.38
C LEU A 13 6.07 -0.48 1.97
N VAL A 14 5.25 -0.95 1.07
CA VAL A 14 5.39 -2.38 0.68
C VAL A 14 6.56 -2.53 -0.28
N MET A 15 6.88 -1.54 -1.06
CA MET A 15 8.04 -1.70 -1.97
C MET A 15 9.22 -2.19 -1.13
N ALA A 16 9.19 -1.90 0.13
CA ALA A 16 10.29 -2.37 1.03
C ALA A 16 9.89 -3.73 1.61
N VAL A 17 8.61 -3.99 1.70
CA VAL A 17 8.16 -5.28 2.27
C VAL A 17 8.02 -6.33 1.14
N CYS A 18 7.53 -5.93 0.00
CA CYS A 18 7.38 -6.89 -1.13
C CYS A 18 8.50 -6.66 -2.15
N GLY A 19 8.82 -5.43 -2.43
CA GLY A 19 9.89 -5.13 -3.43
C GLY A 19 9.24 -4.82 -4.77
N ASP A 20 8.11 -4.16 -4.75
CA ASP A 20 7.40 -3.83 -6.02
C ASP A 20 7.46 -5.03 -6.96
N LEU A 21 6.98 -6.15 -6.51
CA LEU A 21 7.01 -7.37 -7.37
C LEU A 21 5.73 -8.18 -7.15
N CYS A 22 5.24 -8.24 -5.94
CA CYS A 22 3.99 -9.03 -5.69
C CYS A 22 2.91 -8.60 -6.69
N ASN A 23 2.32 -7.45 -6.50
CA ASN A 23 1.27 -6.99 -7.45
C ASN A 23 0.46 -5.87 -6.82
N PRO A 24 0.92 -4.65 -7.02
CA PRO A 24 0.25 -3.45 -6.50
C PRO A 24 -0.94 -3.07 -7.38
N GLN A 25 -1.73 -4.03 -7.76
CA GLN A 25 -2.91 -3.74 -8.63
C GLN A 25 -4.04 -3.16 -7.78
N GLU A 26 -4.97 -2.48 -8.40
CA GLU A 26 -6.10 -1.89 -7.64
C GLU A 26 -5.58 -1.26 -6.36
N GLY A 27 -4.88 -0.16 -6.46
CA GLY A 27 -4.34 0.49 -5.24
C GLY A 27 -5.31 1.58 -4.77
N LYS A 28 -6.43 1.72 -5.43
CA LYS A 28 -7.41 2.77 -5.01
C LYS A 28 -8.45 2.16 -4.08
N ASP A 29 -8.02 1.42 -3.10
CA ASP A 29 -8.97 0.82 -2.14
C ASP A 29 -8.22 0.49 -0.84
N ILE A 30 -7.35 -0.49 -0.89
CA ILE A 30 -6.56 -0.82 0.32
C ILE A 30 -5.88 0.45 0.79
N ALA A 31 -5.51 1.29 -0.12
CA ALA A 31 -4.87 2.57 0.25
C ALA A 31 -5.89 3.45 0.97
N THR A 32 -7.15 3.07 0.92
CA THR A 32 -8.21 3.87 1.58
C THR A 32 -8.01 3.80 3.10
N GLU A 33 -7.22 2.88 3.56
CA GLU A 33 -6.99 2.76 5.02
C GLU A 33 -5.59 3.32 5.32
N CYS A 34 -4.57 2.69 4.81
CA CYS A 34 -3.19 3.18 5.04
C CYS A 34 -3.15 4.70 4.91
N CYS A 35 -4.04 5.25 4.13
CA CYS A 35 -4.08 6.72 3.94
C CYS A 35 -4.04 7.40 5.30
N GLY A 36 -4.79 6.88 6.23
CA GLY A 36 -4.81 7.47 7.59
C GLY A 36 -5.08 6.37 8.62
N ASN A 37 -6.10 5.59 8.40
CA ASN A 37 -6.40 4.49 9.35
C ASN A 37 -5.21 3.53 9.40
N GLN A 38 -4.34 3.63 8.43
CA GLN A 38 -3.15 2.74 8.40
C GLN A 38 -3.54 1.34 7.92
N CYS A 39 -2.72 0.37 8.19
CA CYS A 39 -3.04 -1.02 7.77
C CYS A 39 -2.35 -2.01 8.70
N SER A 40 -1.91 -3.13 8.19
CA SER A 40 -1.22 -4.13 9.06
C SER A 40 -0.27 -4.97 8.20
N ASP A 41 0.72 -5.58 8.80
CA ASP A 41 1.67 -6.40 8.02
C ASP A 41 0.91 -7.42 7.17
N ASP A 42 -0.15 -7.97 7.69
CA ASP A 42 -0.93 -8.96 6.91
C ASP A 42 -1.69 -8.25 5.78
N TYR A 43 -2.34 -7.16 6.09
CA TYR A 43 -3.09 -6.42 5.04
C TYR A 43 -2.20 -6.27 3.80
N ILE A 44 -0.93 -6.03 4.00
CA ILE A 44 -0.01 -5.87 2.84
C ILE A 44 -0.23 -7.03 1.88
N ARG A 45 -0.37 -8.22 2.38
CA ARG A 45 -0.58 -9.39 1.49
C ARG A 45 -1.68 -9.06 0.46
N SER A 46 -2.83 -8.66 0.92
CA SER A 46 -3.93 -8.33 -0.04
C SER A 46 -3.68 -6.98 -0.70
N ALA A 47 -2.58 -6.35 -0.39
CA ALA A 47 -2.29 -5.03 -1.02
C ALA A 47 -1.12 -5.22 -1.99
N CYS A 48 -0.32 -6.21 -1.74
CA CYS A 48 0.83 -6.50 -2.63
C CYS A 48 0.46 -7.63 -3.59
N CYS A 49 -0.05 -8.71 -3.08
CA CYS A 49 -0.42 -9.84 -3.98
C CYS A 49 -1.64 -10.58 -3.42
N PRO A 50 -2.79 -9.96 -3.58
CA PRO A 50 -4.07 -10.54 -3.12
C PRO A 50 -4.56 -11.61 -4.10
N GLY A 1 4.70 22.96 0.20
CA GLY A 1 5.43 22.27 1.34
C GLY A 1 5.14 20.84 1.63
N GLU A 2 4.69 20.54 2.83
CA GLU A 2 4.38 19.13 3.19
C GLU A 2 3.28 18.61 2.27
N THR A 3 3.19 17.32 2.10
CA THR A 3 2.15 16.74 1.22
C THR A 3 1.60 15.45 1.83
N ARG A 4 0.96 14.65 1.02
CA ARG A 4 0.42 13.37 1.53
C ARG A 4 0.95 12.20 0.70
N ALA A 5 0.30 11.09 0.78
CA ALA A 5 0.73 9.89 0.04
C ALA A 5 -0.10 8.73 0.56
N CYS A 6 -0.89 8.15 -0.28
CA CYS A 6 -1.76 7.03 0.17
C CYS A 6 -1.68 5.90 -0.85
N GLY A 7 -2.20 6.08 -2.03
CA GLY A 7 -2.10 5.00 -3.02
C GLY A 7 -0.61 4.69 -3.14
N ARG A 8 0.17 5.73 -3.16
CA ARG A 8 1.63 5.55 -3.24
C ARG A 8 2.13 5.01 -1.90
N LYS A 9 1.67 5.59 -0.83
CA LYS A 9 2.10 5.12 0.52
C LYS A 9 1.92 3.60 0.60
N LEU A 10 0.92 3.09 -0.05
CA LEU A 10 0.66 1.63 0.01
C LEU A 10 1.67 0.89 -0.86
N ILE A 11 1.85 1.33 -2.08
CA ILE A 11 2.84 0.64 -2.95
C ILE A 11 4.24 1.11 -2.58
N SER A 12 4.34 2.18 -1.84
CA SER A 12 5.68 2.70 -1.45
C SER A 12 6.19 1.92 -0.24
N LEU A 13 5.45 1.89 0.82
CA LEU A 13 5.91 1.15 2.01
C LEU A 13 6.05 -0.33 1.66
N VAL A 14 5.19 -0.86 0.85
CA VAL A 14 5.32 -2.30 0.48
C VAL A 14 6.51 -2.50 -0.43
N MET A 15 6.74 -1.59 -1.35
CA MET A 15 7.90 -1.77 -2.25
C MET A 15 9.11 -2.15 -1.41
N ALA A 16 9.12 -1.74 -0.17
CA ALA A 16 10.26 -2.09 0.73
C ALA A 16 9.89 -3.34 1.52
N VAL A 17 8.62 -3.62 1.69
CA VAL A 17 8.23 -4.83 2.45
C VAL A 17 8.06 -6.00 1.48
N CYS A 18 7.53 -5.73 0.32
CA CYS A 18 7.36 -6.80 -0.69
C CYS A 18 8.70 -6.99 -1.41
N GLY A 19 9.17 -5.98 -2.09
CA GLY A 19 10.49 -6.10 -2.79
C GLY A 19 10.28 -6.71 -4.17
N ASP A 20 9.17 -7.37 -4.37
CA ASP A 20 8.90 -7.97 -5.70
C ASP A 20 7.80 -7.18 -6.38
N LEU A 21 7.43 -6.06 -5.81
CA LEU A 21 6.35 -5.25 -6.42
C LEU A 21 5.21 -6.18 -6.82
N CYS A 22 4.86 -7.06 -5.93
CA CYS A 22 3.77 -8.05 -6.19
C CYS A 22 2.71 -7.47 -7.13
N ASN A 23 1.89 -6.58 -6.67
CA ASN A 23 0.85 -6.00 -7.56
C ASN A 23 0.04 -4.93 -6.82
N PRO A 24 0.38 -3.69 -7.05
CA PRO A 24 -0.29 -2.55 -6.42
C PRO A 24 -1.62 -2.25 -7.14
N GLN A 25 -2.69 -2.82 -6.68
CA GLN A 25 -4.00 -2.58 -7.33
C GLN A 25 -4.33 -1.09 -7.28
N GLU A 26 -4.78 -0.52 -8.37
CA GLU A 26 -5.13 0.92 -8.37
C GLU A 26 -6.64 1.09 -8.27
N GLY A 27 -7.26 0.46 -7.30
CA GLY A 27 -8.74 0.57 -7.15
C GLY A 27 -9.05 1.51 -5.98
N LYS A 28 -8.06 2.18 -5.47
CA LYS A 28 -8.31 3.11 -4.33
C LYS A 28 -9.12 2.39 -3.24
N ASP A 29 -8.61 1.29 -2.75
CA ASP A 29 -9.36 0.55 -1.69
C ASP A 29 -8.41 0.21 -0.54
N ILE A 30 -7.50 -0.70 -0.75
CA ILE A 30 -6.54 -1.05 0.33
C ILE A 30 -5.88 0.21 0.84
N ALA A 31 -5.59 1.11 -0.06
CA ALA A 31 -4.93 2.38 0.35
C ALA A 31 -5.95 3.32 1.00
N THR A 32 -7.20 2.96 0.99
CA THR A 32 -8.23 3.84 1.61
C THR A 32 -8.17 3.71 3.14
N GLU A 33 -7.60 2.64 3.62
CA GLU A 33 -7.53 2.43 5.10
C GLU A 33 -6.10 2.66 5.60
N CYS A 34 -5.13 2.53 4.75
CA CYS A 34 -3.72 2.71 5.19
C CYS A 34 -3.31 4.19 5.12
N CYS A 35 -4.20 5.05 4.71
CA CYS A 35 -3.85 6.50 4.63
C CYS A 35 -3.31 6.94 6.00
N GLY A 36 -3.65 6.23 7.03
CA GLY A 36 -3.16 6.60 8.39
C GLY A 36 -4.10 6.03 9.45
N ASN A 37 -4.59 4.84 9.24
CA ASN A 37 -5.52 4.23 10.22
C ASN A 37 -5.20 2.72 10.37
N GLN A 38 -5.48 1.96 9.35
CA GLN A 38 -5.20 0.50 9.42
C GLN A 38 -4.06 0.14 8.46
N CYS A 39 -3.17 -0.71 8.87
CA CYS A 39 -2.03 -1.10 7.97
C CYS A 39 -1.13 -2.08 8.71
N SER A 40 -0.69 -3.12 8.05
CA SER A 40 0.19 -4.11 8.72
C SER A 40 0.76 -5.09 7.68
N ASP A 41 1.78 -5.82 8.03
CA ASP A 41 2.37 -6.79 7.07
C ASP A 41 1.26 -7.64 6.45
N ASP A 42 0.27 -7.98 7.22
CA ASP A 42 -0.83 -8.82 6.67
C ASP A 42 -1.65 -7.99 5.69
N TYR A 43 -2.11 -6.84 6.09
CA TYR A 43 -2.90 -5.98 5.16
C TYR A 43 -2.11 -5.85 3.86
N ILE A 44 -0.83 -5.73 3.95
CA ILE A 44 0.01 -5.60 2.73
C ILE A 44 -0.38 -6.67 1.72
N ARG A 45 -0.61 -7.87 2.16
CA ARG A 45 -0.99 -8.95 1.21
C ARG A 45 -2.02 -8.41 0.21
N SER A 46 -3.10 -7.87 0.70
CA SER A 46 -4.15 -7.33 -0.22
C SER A 46 -3.70 -6.00 -0.83
N ALA A 47 -2.50 -5.56 -0.53
CA ALA A 47 -2.01 -4.29 -1.12
C ALA A 47 -0.93 -4.62 -2.14
N CYS A 48 -0.26 -5.72 -1.92
CA CYS A 48 0.78 -6.17 -2.88
C CYS A 48 0.18 -7.25 -3.77
N CYS A 49 -0.47 -8.23 -3.19
CA CYS A 49 -1.10 -9.30 -4.01
C CYS A 49 -2.42 -9.74 -3.39
N PRO A 50 -3.43 -8.92 -3.57
CA PRO A 50 -4.79 -9.19 -3.05
C PRO A 50 -5.51 -10.22 -3.94
N GLY A 1 -3.05 21.66 -6.49
CA GLY A 1 -2.47 21.82 -5.09
C GLY A 1 -1.88 20.64 -4.40
N GLU A 2 -1.64 20.74 -3.12
CA GLU A 2 -1.05 19.60 -2.38
C GLU A 2 -1.91 18.35 -2.58
N THR A 3 -1.33 17.18 -2.47
CA THR A 3 -2.12 15.94 -2.65
C THR A 3 -1.96 15.03 -1.43
N ARG A 4 -2.39 13.81 -1.53
CA ARG A 4 -2.28 12.88 -0.38
C ARG A 4 -1.21 11.82 -0.66
N ALA A 5 -0.48 11.44 0.34
CA ALA A 5 0.56 10.39 0.18
C ALA A 5 0.03 9.15 0.84
N CYS A 6 -0.78 8.44 0.12
CA CYS A 6 -1.41 7.22 0.69
C CYS A 6 -1.38 6.09 -0.33
N GLY A 7 -2.23 6.11 -1.32
CA GLY A 7 -2.21 5.03 -2.34
C GLY A 7 -0.77 4.86 -2.75
N ARG A 8 -0.10 5.95 -2.94
CA ARG A 8 1.31 5.88 -3.32
C ARG A 8 2.11 5.36 -2.13
N LYS A 9 1.99 6.02 -1.01
CA LYS A 9 2.73 5.57 0.19
C LYS A 9 2.44 4.09 0.45
N LEU A 10 1.28 3.63 0.06
CA LEU A 10 0.94 2.20 0.26
C LEU A 10 1.86 1.34 -0.60
N ILE A 11 2.18 1.81 -1.77
CA ILE A 11 3.09 1.03 -2.66
C ILE A 11 4.53 1.37 -2.29
N SER A 12 4.75 2.53 -1.75
CA SER A 12 6.13 2.92 -1.37
C SER A 12 6.57 2.09 -0.17
N LEU A 13 5.77 2.01 0.85
CA LEU A 13 6.17 1.21 2.03
C LEU A 13 6.26 -0.26 1.63
N VAL A 14 5.31 -0.77 0.88
CA VAL A 14 5.38 -2.20 0.49
C VAL A 14 6.53 -2.39 -0.50
N MET A 15 6.81 -1.42 -1.33
CA MET A 15 7.93 -1.61 -2.28
C MET A 15 9.14 -2.08 -1.48
N ALA A 16 9.17 -1.77 -0.22
CA ALA A 16 10.30 -2.21 0.64
C ALA A 16 9.94 -3.57 1.24
N VAL A 17 8.66 -3.87 1.36
CA VAL A 17 8.24 -5.18 1.92
C VAL A 17 8.08 -6.21 0.80
N CYS A 18 7.62 -5.78 -0.35
CA CYS A 18 7.42 -6.73 -1.48
C CYS A 18 8.56 -6.56 -2.49
N GLY A 19 9.25 -5.45 -2.44
CA GLY A 19 10.35 -5.23 -3.41
C GLY A 19 9.82 -5.36 -4.84
N ASP A 20 8.60 -4.98 -5.05
CA ASP A 20 8.00 -5.09 -6.42
C ASP A 20 7.98 -6.56 -6.83
N LEU A 21 7.60 -7.44 -5.93
CA LEU A 21 7.56 -8.88 -6.28
C LEU A 21 6.13 -9.41 -6.12
N CYS A 22 5.49 -9.11 -5.02
CA CYS A 22 4.10 -9.61 -4.83
C CYS A 22 3.18 -8.98 -5.88
N ASN A 23 2.72 -7.78 -5.65
CA ASN A 23 1.82 -7.13 -6.65
C ASN A 23 1.10 -5.95 -6.00
N PRO A 24 1.59 -4.76 -6.26
CA PRO A 24 1.01 -3.53 -5.71
C PRO A 24 -0.25 -3.13 -6.50
N GLN A 25 -1.14 -4.06 -6.72
CA GLN A 25 -2.37 -3.75 -7.48
C GLN A 25 -3.35 -3.00 -6.58
N GLU A 26 -4.55 -2.77 -7.06
CA GLU A 26 -5.58 -2.03 -6.27
C GLU A 26 -4.93 -1.02 -5.34
N GLY A 27 -4.36 0.02 -5.89
CA GLY A 27 -3.70 1.05 -5.05
C GLY A 27 -4.75 2.06 -4.56
N LYS A 28 -5.85 2.17 -5.26
CA LYS A 28 -6.91 3.14 -4.82
C LYS A 28 -7.99 2.40 -4.03
N ASP A 29 -7.61 1.63 -3.06
CA ASP A 29 -8.61 0.88 -2.26
C ASP A 29 -7.99 0.49 -0.92
N ILE A 30 -7.13 -0.50 -0.92
CA ILE A 30 -6.46 -0.91 0.34
C ILE A 30 -5.87 0.32 1.00
N ALA A 31 -5.34 1.21 0.21
CA ALA A 31 -4.75 2.44 0.77
C ALA A 31 -5.86 3.31 1.37
N THR A 32 -7.09 2.96 1.11
CA THR A 32 -8.22 3.77 1.66
C THR A 32 -8.28 3.59 3.18
N GLU A 33 -7.66 2.56 3.68
CA GLU A 33 -7.67 2.34 5.16
C GLU A 33 -6.31 2.70 5.76
N CYS A 34 -5.26 2.55 5.01
CA CYS A 34 -3.90 2.88 5.56
C CYS A 34 -3.67 4.39 5.56
N CYS A 35 -4.51 5.15 4.90
CA CYS A 35 -4.30 6.63 4.89
C CYS A 35 -4.20 7.13 6.34
N GLY A 36 -4.71 6.35 7.27
CA GLY A 36 -4.65 6.77 8.69
C GLY A 36 -5.77 6.08 9.46
N ASN A 37 -5.90 4.80 9.32
CA ASN A 37 -6.99 4.06 10.03
C ASN A 37 -6.51 2.66 10.41
N GLN A 38 -6.01 1.91 9.46
CA GLN A 38 -5.54 0.53 9.79
C GLN A 38 -4.41 0.12 8.83
N CYS A 39 -3.47 -0.62 9.33
CA CYS A 39 -2.33 -1.08 8.47
C CYS A 39 -1.73 -2.35 9.08
N SER A 40 -1.01 -3.11 8.32
CA SER A 40 -0.40 -4.35 8.89
C SER A 40 0.14 -5.22 7.76
N ASP A 41 1.12 -6.05 8.05
CA ASP A 41 1.69 -6.92 7.00
C ASP A 41 0.55 -7.64 6.27
N ASP A 42 -0.42 -8.12 7.00
CA ASP A 42 -1.57 -8.81 6.35
C ASP A 42 -2.24 -7.82 5.41
N TYR A 43 -2.48 -6.62 5.88
CA TYR A 43 -3.13 -5.60 5.01
C TYR A 43 -2.29 -5.48 3.74
N ILE A 44 -1.00 -5.54 3.89
CA ILE A 44 -0.10 -5.45 2.70
C ILE A 44 -0.35 -6.69 1.83
N ARG A 45 -0.69 -7.79 2.44
CA ARG A 45 -0.96 -9.03 1.67
C ARG A 45 -1.93 -8.73 0.54
N SER A 46 -3.09 -8.21 0.85
CA SER A 46 -4.07 -7.91 -0.22
C SER A 46 -3.67 -6.64 -0.97
N ALA A 47 -2.62 -5.99 -0.54
CA ALA A 47 -2.18 -4.76 -1.24
C ALA A 47 -1.02 -5.13 -2.15
N CYS A 48 -0.32 -6.17 -1.79
CA CYS A 48 0.83 -6.64 -2.60
C CYS A 48 0.47 -7.99 -3.25
N CYS A 49 -0.10 -8.88 -2.49
CA CYS A 49 -0.45 -10.21 -3.07
C CYS A 49 -1.85 -10.62 -2.62
N PRO A 50 -2.83 -9.90 -3.11
CA PRO A 50 -4.25 -10.16 -2.80
C PRO A 50 -4.77 -11.32 -3.65
N GLY A 1 5.81 21.90 -0.71
CA GLY A 1 6.18 20.43 -0.81
C GLY A 1 5.52 19.43 0.06
N GLU A 2 4.92 19.88 1.13
CA GLU A 2 4.23 18.94 2.06
C GLU A 2 2.91 18.46 1.43
N THR A 3 2.63 17.19 1.53
CA THR A 3 1.36 16.68 0.93
C THR A 3 0.98 15.37 1.62
N ARG A 4 0.08 14.64 1.03
CA ARG A 4 -0.35 13.34 1.63
C ARG A 4 0.40 12.19 0.95
N ALA A 5 -0.24 11.07 0.86
CA ALA A 5 0.39 9.88 0.24
C ALA A 5 -0.43 8.67 0.66
N CYS A 6 -1.08 8.03 -0.27
CA CYS A 6 -1.93 6.88 0.08
C CYS A 6 -1.70 5.74 -0.91
N GLY A 7 -2.17 5.85 -2.11
CA GLY A 7 -1.95 4.77 -3.08
C GLY A 7 -0.45 4.51 -3.11
N ARG A 8 0.29 5.57 -3.16
CA ARG A 8 1.76 5.43 -3.15
C ARG A 8 2.20 4.94 -1.77
N LYS A 9 1.68 5.53 -0.74
CA LYS A 9 2.04 5.10 0.64
C LYS A 9 1.95 3.59 0.75
N LEU A 10 0.96 3.01 0.11
CA LEU A 10 0.79 1.53 0.20
C LEU A 10 1.89 0.84 -0.61
N ILE A 11 2.06 1.23 -1.84
CA ILE A 11 3.11 0.60 -2.67
C ILE A 11 4.47 1.11 -2.19
N SER A 12 4.48 2.17 -1.42
CA SER A 12 5.77 2.71 -0.92
C SER A 12 6.30 1.84 0.22
N LEU A 13 5.60 1.79 1.31
CA LEU A 13 6.06 0.97 2.45
C LEU A 13 6.22 -0.48 2.00
N VAL A 14 5.38 -0.94 1.10
CA VAL A 14 5.53 -2.35 0.66
C VAL A 14 6.69 -2.47 -0.33
N MET A 15 6.96 -1.46 -1.09
CA MET A 15 8.09 -1.58 -2.03
C MET A 15 9.30 -2.06 -1.24
N ALA A 16 9.30 -1.82 0.05
CA ALA A 16 10.42 -2.29 0.90
C ALA A 16 10.05 -3.67 1.45
N VAL A 17 8.77 -3.96 1.55
CA VAL A 17 8.34 -5.27 2.09
C VAL A 17 8.18 -6.28 0.93
N CYS A 18 7.65 -5.85 -0.18
CA CYS A 18 7.46 -6.77 -1.34
C CYS A 18 8.57 -6.52 -2.35
N GLY A 19 8.90 -5.29 -2.59
CA GLY A 19 9.97 -4.99 -3.58
C GLY A 19 9.34 -4.86 -4.97
N ASP A 20 8.15 -4.33 -5.05
CA ASP A 20 7.48 -4.18 -6.36
C ASP A 20 7.53 -5.52 -7.11
N LEU A 21 7.08 -6.57 -6.47
CA LEU A 21 7.11 -7.91 -7.14
C LEU A 21 5.75 -8.60 -6.95
N CYS A 22 5.18 -8.51 -5.79
CA CYS A 22 3.85 -9.17 -5.55
C CYS A 22 2.84 -8.64 -6.57
N ASN A 23 2.33 -7.45 -6.35
CA ASN A 23 1.34 -6.90 -7.31
C ASN A 23 0.75 -5.60 -6.75
N PRO A 24 1.36 -4.50 -7.12
CA PRO A 24 0.93 -3.17 -6.66
C PRO A 24 -0.29 -2.71 -7.47
N GLN A 25 -1.39 -3.38 -7.33
CA GLN A 25 -2.60 -2.99 -8.09
C GLN A 25 -2.95 -1.53 -7.78
N GLU A 26 -3.84 -0.95 -8.53
CA GLU A 26 -4.22 0.47 -8.28
C GLU A 26 -5.75 0.60 -8.30
N GLY A 27 -6.42 -0.11 -7.44
CA GLY A 27 -7.91 -0.03 -7.41
C GLY A 27 -8.34 1.04 -6.41
N LYS A 28 -7.42 1.79 -5.88
CA LYS A 28 -7.79 2.85 -4.89
C LYS A 28 -8.75 2.26 -3.85
N ASP A 29 -8.27 1.34 -3.06
CA ASP A 29 -9.16 0.74 -2.02
C ASP A 29 -8.32 0.40 -0.78
N ILE A 30 -7.55 -0.65 -0.85
CA ILE A 30 -6.70 -1.02 0.32
C ILE A 30 -5.93 0.22 0.77
N ALA A 31 -5.57 1.05 -0.15
CA ALA A 31 -4.82 2.29 0.19
C ALA A 31 -5.78 3.34 0.74
N THR A 32 -7.04 3.08 0.72
CA THR A 32 -8.02 4.07 1.23
C THR A 32 -8.04 4.02 2.76
N GLU A 33 -7.59 2.94 3.33
CA GLU A 33 -7.59 2.81 4.81
C GLU A 33 -6.16 2.96 5.35
N CYS A 34 -5.17 2.71 4.53
CA CYS A 34 -3.76 2.82 5.01
C CYS A 34 -3.27 4.27 4.90
N CYS A 35 -4.11 5.17 4.46
CA CYS A 35 -3.69 6.59 4.35
C CYS A 35 -3.02 7.02 5.66
N GLY A 36 -3.35 6.36 6.73
CA GLY A 36 -2.75 6.72 8.04
C GLY A 36 -3.75 6.41 9.16
N ASN A 37 -4.35 5.25 9.13
CA ASN A 37 -5.33 4.88 10.18
C ASN A 37 -5.41 3.35 10.30
N GLN A 38 -5.33 2.65 9.20
CA GLN A 38 -5.41 1.17 9.26
C GLN A 38 -4.35 0.57 8.33
N CYS A 39 -3.44 -0.20 8.86
CA CYS A 39 -2.38 -0.82 8.01
C CYS A 39 -1.61 -1.86 8.83
N SER A 40 -1.15 -2.90 8.21
CA SER A 40 -0.40 -3.95 8.97
C SER A 40 0.28 -4.91 7.98
N ASP A 41 1.20 -5.70 8.46
CA ASP A 41 1.90 -6.66 7.55
C ASP A 41 0.85 -7.52 6.85
N ASP A 42 -0.20 -7.89 7.54
CA ASP A 42 -1.25 -8.73 6.91
C ASP A 42 -1.96 -7.91 5.84
N TYR A 43 -2.36 -6.72 6.16
CA TYR A 43 -3.05 -5.87 5.15
C TYR A 43 -2.19 -5.80 3.89
N ILE A 44 -0.91 -5.67 4.07
CA ILE A 44 0.01 -5.59 2.89
C ILE A 44 -0.28 -6.77 1.95
N ARG A 45 -0.39 -7.95 2.48
CA ARG A 45 -0.67 -9.13 1.61
C ARG A 45 -1.75 -8.79 0.58
N SER A 46 -2.89 -8.33 1.04
CA SER A 46 -3.98 -7.98 0.09
C SER A 46 -3.68 -6.65 -0.60
N ALA A 47 -2.56 -6.06 -0.32
CA ALA A 47 -2.22 -4.76 -0.97
C ALA A 47 -1.06 -5.01 -1.93
N CYS A 48 -0.31 -6.04 -1.69
CA CYS A 48 0.82 -6.39 -2.59
C CYS A 48 0.40 -7.52 -3.52
N CYS A 49 -0.16 -8.58 -2.98
CA CYS A 49 -0.59 -9.71 -3.85
C CYS A 49 -1.84 -10.38 -3.27
N PRO A 50 -2.95 -9.73 -3.43
CA PRO A 50 -4.26 -10.23 -2.95
C PRO A 50 -4.80 -11.29 -3.91
N GLY A 1 5.68 21.81 1.49
CA GLY A 1 6.53 20.67 0.94
C GLY A 1 5.88 19.44 0.40
N GLU A 2 5.98 18.35 1.12
CA GLU A 2 5.34 17.10 0.64
C GLU A 2 3.81 17.23 0.70
N THR A 3 3.11 16.39 0.02
CA THR A 3 1.62 16.47 0.03
C THR A 3 1.03 15.13 0.43
N ARG A 4 -0.22 14.93 0.16
CA ARG A 4 -0.88 13.65 0.52
C ARG A 4 -0.05 12.48 -0.03
N ALA A 5 -0.06 11.38 0.64
CA ALA A 5 0.71 10.19 0.18
C ALA A 5 0.07 8.97 0.82
N CYS A 6 -0.76 8.31 0.09
CA CYS A 6 -1.46 7.12 0.64
C CYS A 6 -1.50 5.99 -0.39
N GLY A 7 -2.34 6.10 -1.38
CA GLY A 7 -2.39 5.02 -2.41
C GLY A 7 -0.98 4.78 -2.86
N ARG A 8 -0.25 5.85 -3.06
CA ARG A 8 1.15 5.70 -3.47
C ARG A 8 1.92 5.10 -2.30
N LYS A 9 1.82 5.74 -1.17
CA LYS A 9 2.51 5.24 0.05
C LYS A 9 2.24 3.74 0.21
N LEU A 10 1.07 3.29 -0.17
CA LEU A 10 0.74 1.85 -0.04
C LEU A 10 1.71 1.04 -0.90
N ILE A 11 1.93 1.45 -2.12
CA ILE A 11 2.87 0.69 -2.99
C ILE A 11 4.30 1.08 -2.61
N SER A 12 4.46 2.19 -1.96
CA SER A 12 5.82 2.64 -1.56
C SER A 12 6.27 1.87 -0.32
N LEU A 13 5.49 1.89 0.72
CA LEU A 13 5.88 1.16 1.95
C LEU A 13 6.00 -0.33 1.63
N VAL A 14 5.15 -0.85 0.79
CA VAL A 14 5.25 -2.31 0.46
C VAL A 14 6.45 -2.53 -0.44
N MET A 15 6.73 -1.63 -1.35
CA MET A 15 7.90 -1.84 -2.23
C MET A 15 9.09 -2.18 -1.34
N ALA A 16 9.06 -1.76 -0.12
CA ALA A 16 10.18 -2.08 0.82
C ALA A 16 9.81 -3.35 1.61
N VAL A 17 8.54 -3.64 1.73
CA VAL A 17 8.13 -4.85 2.49
C VAL A 17 8.03 -6.04 1.53
N CYS A 18 7.57 -5.79 0.33
CA CYS A 18 7.46 -6.89 -0.66
C CYS A 18 8.81 -7.02 -1.36
N GLY A 19 9.27 -5.99 -2.03
CA GLY A 19 10.59 -6.06 -2.70
C GLY A 19 10.41 -6.61 -4.12
N ASP A 20 9.33 -7.30 -4.35
CA ASP A 20 9.09 -7.86 -5.70
C ASP A 20 7.94 -7.07 -6.35
N LEU A 21 7.54 -5.98 -5.75
CA LEU A 21 6.44 -5.19 -6.34
C LEU A 21 5.32 -6.14 -6.76
N CYS A 22 4.92 -6.99 -5.86
CA CYS A 22 3.86 -7.99 -6.15
C CYS A 22 2.84 -7.43 -7.15
N ASN A 23 1.95 -6.57 -6.71
CA ASN A 23 0.94 -6.00 -7.65
C ASN A 23 0.02 -5.02 -6.92
N PRO A 24 0.36 -3.75 -7.03
CA PRO A 24 -0.42 -2.68 -6.38
C PRO A 24 -1.68 -2.37 -7.22
N GLN A 25 -2.72 -3.13 -7.00
CA GLN A 25 -3.97 -2.90 -7.77
C GLN A 25 -4.47 -1.46 -7.57
N GLU A 26 -5.39 -1.02 -8.37
CA GLU A 26 -5.91 0.37 -8.22
C GLU A 26 -7.40 0.33 -7.88
N GLY A 27 -7.74 -0.19 -6.73
CA GLY A 27 -9.18 -0.24 -6.34
C GLY A 27 -9.45 0.78 -5.23
N LYS A 28 -8.48 1.61 -4.93
CA LYS A 28 -8.67 2.63 -3.87
C LYS A 28 -9.39 2.00 -2.67
N ASP A 29 -8.88 0.90 -2.18
CA ASP A 29 -9.53 0.24 -1.02
C ASP A 29 -8.48 -0.07 0.05
N ILE A 30 -7.46 -0.81 -0.28
CA ILE A 30 -6.42 -1.13 0.72
C ILE A 30 -5.77 0.17 1.20
N ALA A 31 -5.59 1.10 0.32
CA ALA A 31 -4.96 2.40 0.71
C ALA A 31 -6.01 3.31 1.35
N THR A 32 -7.24 2.88 1.41
CA THR A 32 -8.29 3.74 2.03
C THR A 32 -8.15 3.67 3.55
N GLU A 33 -7.53 2.64 4.04
CA GLU A 33 -7.34 2.49 5.51
C GLU A 33 -5.89 2.79 5.87
N CYS A 34 -4.99 2.51 4.97
CA CYS A 34 -3.54 2.78 5.25
C CYS A 34 -3.19 4.22 4.89
N CYS A 35 -4.08 4.92 4.24
CA CYS A 35 -3.79 6.32 3.87
C CYS A 35 -3.24 7.05 5.10
N GLY A 36 -3.57 6.58 6.26
CA GLY A 36 -3.08 7.22 7.51
C GLY A 36 -4.00 6.85 8.67
N ASN A 37 -4.25 5.58 8.85
CA ASN A 37 -5.13 5.15 9.97
C ASN A 37 -4.82 3.72 10.37
N GLN A 38 -5.24 2.75 9.59
CA GLN A 38 -4.97 1.34 9.94
C GLN A 38 -4.03 0.70 8.91
N CYS A 39 -3.22 -0.22 9.35
CA CYS A 39 -2.28 -0.91 8.43
C CYS A 39 -1.86 -2.24 9.05
N SER A 40 -1.05 -3.01 8.37
CA SER A 40 -0.61 -4.30 8.96
C SER A 40 0.10 -5.14 7.89
N ASP A 41 1.12 -5.87 8.27
CA ASP A 41 1.84 -6.71 7.28
C ASP A 41 0.82 -7.58 6.55
N ASP A 42 -0.08 -8.19 7.26
CA ASP A 42 -1.09 -9.03 6.59
C ASP A 42 -1.90 -8.16 5.62
N TYR A 43 -2.26 -6.98 6.05
CA TYR A 43 -3.03 -6.07 5.15
C TYR A 43 -2.24 -5.89 3.85
N ILE A 44 -0.95 -5.83 3.95
CA ILE A 44 -0.11 -5.65 2.74
C ILE A 44 -0.46 -6.73 1.70
N ARG A 45 -0.74 -7.92 2.14
CA ARG A 45 -1.08 -9.01 1.18
C ARG A 45 -2.03 -8.48 0.10
N SER A 46 -3.11 -7.85 0.51
CA SER A 46 -4.08 -7.33 -0.50
C SER A 46 -3.54 -6.05 -1.14
N ALA A 47 -2.40 -5.58 -0.71
CA ALA A 47 -1.83 -4.36 -1.32
C ALA A 47 -0.71 -4.78 -2.27
N CYS A 48 -0.14 -5.93 -2.01
CA CYS A 48 0.94 -6.45 -2.88
C CYS A 48 0.38 -7.68 -3.63
N CYS A 49 -0.17 -8.63 -2.91
CA CYS A 49 -0.72 -9.84 -3.59
C CYS A 49 -2.16 -10.10 -3.15
N PRO A 50 -3.05 -9.23 -3.57
CA PRO A 50 -4.48 -9.34 -3.28
C PRO A 50 -5.14 -10.36 -4.20
N GLY A 1 1.48 22.51 -1.28
CA GLY A 1 2.92 22.33 -1.74
C GLY A 1 3.58 21.00 -1.63
N GLU A 2 3.14 20.19 -0.70
CA GLU A 2 3.75 18.84 -0.53
C GLU A 2 2.77 17.79 -1.07
N THR A 3 3.27 16.79 -1.75
CA THR A 3 2.38 15.74 -2.30
C THR A 3 1.69 15.00 -1.15
N ARG A 4 1.06 13.90 -1.46
CA ARG A 4 0.37 13.12 -0.39
C ARG A 4 1.05 11.75 -0.25
N ALA A 5 1.02 11.19 0.92
CA ALA A 5 1.63 9.86 1.12
C ALA A 5 0.55 8.92 1.63
N CYS A 6 -0.23 8.44 0.72
CA CYS A 6 -1.35 7.54 1.10
C CYS A 6 -1.42 6.38 0.10
N GLY A 7 -2.03 6.59 -1.04
CA GLY A 7 -2.08 5.49 -2.05
C GLY A 7 -0.65 5.10 -2.34
N ARG A 8 0.20 6.08 -2.44
CA ARG A 8 1.62 5.79 -2.68
C ARG A 8 2.16 5.07 -1.45
N LYS A 9 1.93 5.63 -0.31
CA LYS A 9 2.38 5.01 0.96
C LYS A 9 2.15 3.50 0.90
N LEU A 10 1.02 3.08 0.40
CA LEU A 10 0.73 1.63 0.32
C LEU A 10 1.78 0.95 -0.56
N ILE A 11 1.99 1.46 -1.73
CA ILE A 11 3.00 0.84 -2.63
C ILE A 11 4.40 1.26 -2.18
N SER A 12 4.50 2.34 -1.46
CA SER A 12 5.82 2.80 -0.98
C SER A 12 6.34 1.87 0.12
N LEU A 13 5.61 1.75 1.19
CA LEU A 13 6.07 0.87 2.29
C LEU A 13 6.19 -0.56 1.79
N VAL A 14 5.36 -0.98 0.87
CA VAL A 14 5.48 -2.38 0.38
C VAL A 14 6.60 -2.46 -0.64
N MET A 15 6.86 -1.42 -1.37
CA MET A 15 7.98 -1.50 -2.34
C MET A 15 9.21 -1.99 -1.59
N ALA A 16 9.24 -1.79 -0.30
CA ALA A 16 10.39 -2.25 0.50
C ALA A 16 10.05 -3.61 1.12
N VAL A 17 8.78 -3.93 1.22
CA VAL A 17 8.39 -5.23 1.81
C VAL A 17 8.19 -6.26 0.69
N CYS A 18 7.65 -5.83 -0.42
CA CYS A 18 7.41 -6.77 -1.55
C CYS A 18 8.54 -6.62 -2.57
N GLY A 19 9.17 -5.48 -2.61
CA GLY A 19 10.28 -5.26 -3.58
C GLY A 19 9.72 -5.36 -5.00
N ASP A 20 8.59 -4.76 -5.26
CA ASP A 20 8.01 -4.83 -6.62
C ASP A 20 7.92 -6.29 -7.06
N LEU A 21 7.43 -7.15 -6.21
CA LEU A 21 7.33 -8.58 -6.56
C LEU A 21 5.88 -9.05 -6.38
N CYS A 22 5.25 -8.65 -5.31
CA CYS A 22 3.84 -9.06 -5.08
C CYS A 22 2.92 -8.34 -6.05
N ASN A 23 3.25 -7.13 -6.42
CA ASN A 23 2.41 -6.35 -7.37
C ASN A 23 1.28 -5.65 -6.61
N PRO A 24 1.32 -4.34 -6.59
CA PRO A 24 0.30 -3.53 -5.91
C PRO A 24 -0.95 -3.42 -6.77
N GLN A 25 -1.95 -4.22 -6.48
CA GLN A 25 -3.20 -4.16 -7.29
C GLN A 25 -3.60 -2.71 -7.50
N GLU A 26 -4.37 -2.43 -8.52
CA GLU A 26 -4.78 -1.02 -8.78
C GLU A 26 -6.29 -0.88 -8.60
N GLY A 27 -6.80 -1.25 -7.45
CA GLY A 27 -8.26 -1.14 -7.23
C GLY A 27 -8.57 0.15 -6.47
N LYS A 28 -7.56 0.88 -6.08
CA LYS A 28 -7.79 2.15 -5.34
C LYS A 28 -8.76 1.90 -4.19
N ASP A 29 -8.38 1.08 -3.25
CA ASP A 29 -9.27 0.79 -2.10
C ASP A 29 -8.43 0.39 -0.88
N ILE A 30 -7.50 -0.50 -1.06
CA ILE A 30 -6.64 -0.92 0.08
C ILE A 30 -5.97 0.30 0.69
N ALA A 31 -5.58 1.23 -0.14
CA ALA A 31 -4.90 2.45 0.39
C ALA A 31 -5.93 3.39 1.00
N THR A 32 -7.19 3.04 0.94
CA THR A 32 -8.23 3.93 1.52
C THR A 32 -8.20 3.81 3.04
N GLU A 33 -7.62 2.76 3.55
CA GLU A 33 -7.55 2.57 5.02
C GLU A 33 -6.14 2.86 5.51
N CYS A 34 -5.14 2.48 4.76
CA CYS A 34 -3.75 2.74 5.18
C CYS A 34 -3.41 4.22 4.99
N CYS A 35 -4.14 4.89 4.14
CA CYS A 35 -3.88 6.34 3.91
C CYS A 35 -3.88 7.05 5.25
N GLY A 36 -4.54 6.49 6.23
CA GLY A 36 -4.60 7.14 7.58
C GLY A 36 -5.74 6.53 8.39
N ASN A 37 -5.96 5.25 8.25
CA ASN A 37 -7.06 4.60 9.02
C ASN A 37 -6.56 3.28 9.61
N GLN A 38 -6.31 2.30 8.78
CA GLN A 38 -5.82 0.99 9.28
C GLN A 38 -4.66 0.51 8.41
N CYS A 39 -3.81 -0.34 8.95
CA CYS A 39 -2.67 -0.85 8.15
C CYS A 39 -1.91 -1.89 8.97
N SER A 40 -1.23 -2.80 8.32
CA SER A 40 -0.48 -3.84 9.07
C SER A 40 0.25 -4.75 8.08
N ASP A 41 1.23 -5.49 8.54
CA ASP A 41 1.97 -6.40 7.63
C ASP A 41 0.99 -7.30 6.90
N ASP A 42 -0.05 -7.72 7.57
CA ASP A 42 -1.05 -8.60 6.90
C ASP A 42 -1.82 -7.79 5.86
N TYR A 43 -2.25 -6.61 6.21
CA TYR A 43 -3.00 -5.77 5.22
C TYR A 43 -2.23 -5.75 3.91
N ILE A 44 -0.96 -5.49 3.97
CA ILE A 44 -0.14 -5.44 2.72
C ILE A 44 -0.48 -6.67 1.86
N ARG A 45 -0.69 -7.80 2.46
CA ARG A 45 -1.02 -9.01 1.67
C ARG A 45 -2.04 -8.66 0.58
N SER A 46 -3.14 -8.07 0.95
CA SER A 46 -4.17 -7.72 -0.06
C SER A 46 -3.72 -6.49 -0.87
N ALA A 47 -2.67 -5.85 -0.46
CA ALA A 47 -2.19 -4.66 -1.21
C ALA A 47 -1.03 -5.10 -2.10
N CYS A 48 -0.40 -6.17 -1.74
CA CYS A 48 0.73 -6.70 -2.55
C CYS A 48 0.30 -8.02 -3.21
N CYS A 49 -0.35 -8.88 -2.49
CA CYS A 49 -0.78 -10.17 -3.08
C CYS A 49 -2.18 -10.54 -2.56
N PRO A 50 -3.16 -9.79 -3.00
CA PRO A 50 -4.56 -10.01 -2.62
C PRO A 50 -5.16 -11.17 -3.42
N GLY A 1 8.95 19.84 -1.68
CA GLY A 1 8.43 18.43 -1.94
C GLY A 1 7.47 17.81 -0.99
N GLU A 2 7.11 18.51 0.04
CA GLU A 2 6.15 17.95 1.03
C GLU A 2 4.80 17.72 0.35
N THR A 3 4.26 16.54 0.47
CA THR A 3 2.95 16.26 -0.17
C THR A 3 2.23 15.15 0.61
N ARG A 4 1.22 14.58 0.03
CA ARG A 4 0.47 13.50 0.73
C ARG A 4 1.07 12.15 0.34
N ALA A 5 0.89 11.17 1.17
CA ALA A 5 1.42 9.82 0.87
C ALA A 5 0.43 8.81 1.43
N CYS A 6 -0.42 8.32 0.58
CA CYS A 6 -1.44 7.35 1.00
C CYS A 6 -1.51 6.21 -0.01
N GLY A 7 -2.04 6.44 -1.17
CA GLY A 7 -2.08 5.36 -2.18
C GLY A 7 -0.64 5.02 -2.50
N ARG A 8 0.18 6.02 -2.62
CA ARG A 8 1.60 5.79 -2.90
C ARG A 8 2.25 5.20 -1.65
N LYS A 9 1.82 5.65 -0.50
CA LYS A 9 2.39 5.12 0.77
C LYS A 9 2.16 3.62 0.86
N LEU A 10 1.05 3.14 0.36
CA LEU A 10 0.78 1.68 0.41
C LEU A 10 1.78 0.96 -0.49
N ILE A 11 1.99 1.46 -1.67
CA ILE A 11 2.96 0.79 -2.57
C ILE A 11 4.36 1.23 -2.20
N SER A 12 4.49 2.32 -1.47
CA SER A 12 5.84 2.80 -1.09
C SER A 12 6.37 1.93 0.06
N LEU A 13 5.66 1.85 1.14
CA LEU A 13 6.15 1.03 2.27
C LEU A 13 6.28 -0.43 1.82
N VAL A 14 5.40 -0.89 0.97
CA VAL A 14 5.51 -2.30 0.53
C VAL A 14 6.62 -2.43 -0.50
N MET A 15 6.86 -1.41 -1.29
CA MET A 15 7.96 -1.53 -2.28
C MET A 15 9.21 -1.99 -1.54
N ALA A 16 9.26 -1.73 -0.26
CA ALA A 16 10.43 -2.17 0.55
C ALA A 16 10.11 -3.54 1.15
N VAL A 17 8.85 -3.85 1.30
CA VAL A 17 8.47 -5.17 1.88
C VAL A 17 8.31 -6.20 0.76
N CYS A 18 7.77 -5.78 -0.36
CA CYS A 18 7.58 -6.72 -1.51
C CYS A 18 8.69 -6.49 -2.53
N GLY A 19 8.98 -5.25 -2.83
CA GLY A 19 10.04 -4.96 -3.83
C GLY A 19 9.52 -5.25 -5.24
N ASP A 20 8.42 -4.64 -5.60
CA ASP A 20 7.85 -4.89 -6.96
C ASP A 20 7.90 -6.38 -7.26
N LEU A 21 7.43 -7.19 -6.35
CA LEU A 21 7.46 -8.66 -6.57
C LEU A 21 6.07 -9.25 -6.30
N CYS A 22 5.47 -8.90 -5.20
CA CYS A 22 4.11 -9.44 -4.89
C CYS A 22 3.11 -8.95 -5.93
N ASN A 23 2.62 -7.75 -5.78
CA ASN A 23 1.63 -7.22 -6.76
C ASN A 23 1.05 -5.90 -6.24
N PRO A 24 1.59 -4.82 -6.73
CA PRO A 24 1.16 -3.47 -6.33
C PRO A 24 -0.15 -3.10 -7.05
N GLN A 25 -1.23 -3.76 -6.71
CA GLN A 25 -2.53 -3.44 -7.36
C GLN A 25 -2.91 -1.99 -7.07
N GLU A 26 -3.48 -1.32 -8.03
CA GLU A 26 -3.87 0.10 -7.80
C GLU A 26 -5.39 0.24 -7.98
N GLY A 27 -6.15 -0.38 -7.12
CA GLY A 27 -7.64 -0.28 -7.24
C GLY A 27 -8.16 0.76 -6.26
N LYS A 28 -7.29 1.60 -5.74
CA LYS A 28 -7.74 2.63 -4.77
C LYS A 28 -8.68 2.00 -3.74
N ASP A 29 -8.19 1.05 -2.99
CA ASP A 29 -9.06 0.40 -1.97
C ASP A 29 -8.24 0.12 -0.70
N ILE A 30 -7.27 -0.74 -0.80
CA ILE A 30 -6.43 -1.03 0.39
C ILE A 30 -5.84 0.27 0.93
N ALA A 31 -5.40 1.12 0.05
CA ALA A 31 -4.80 2.41 0.47
C ALA A 31 -5.90 3.33 1.01
N THR A 32 -7.13 2.91 0.96
CA THR A 32 -8.23 3.77 1.47
C THR A 32 -8.22 3.74 3.01
N GLU A 33 -7.62 2.73 3.57
CA GLU A 33 -7.57 2.64 5.06
C GLU A 33 -6.17 2.99 5.56
N CYS A 34 -5.16 2.62 4.82
CA CYS A 34 -3.77 2.93 5.26
C CYS A 34 -3.46 4.41 5.05
N CYS A 35 -4.25 5.08 4.25
CA CYS A 35 -3.99 6.53 4.01
C CYS A 35 -3.81 7.23 5.36
N GLY A 36 -4.35 6.66 6.40
CA GLY A 36 -4.22 7.28 7.75
C GLY A 36 -5.35 6.78 8.65
N ASN A 37 -5.69 5.53 8.56
CA ASN A 37 -6.78 4.99 9.41
C ASN A 37 -6.37 3.63 9.98
N GLN A 38 -5.85 2.75 9.17
CA GLN A 38 -5.44 1.42 9.69
C GLN A 38 -4.40 0.79 8.76
N CYS A 39 -3.57 -0.07 9.28
CA CYS A 39 -2.54 -0.75 8.44
C CYS A 39 -2.11 -2.05 9.11
N SER A 40 -1.25 -2.81 8.49
CA SER A 40 -0.79 -4.08 9.11
C SER A 40 -0.12 -4.96 8.06
N ASP A 41 0.90 -5.68 8.43
CA ASP A 41 1.59 -6.54 7.44
C ASP A 41 0.54 -7.42 6.73
N ASP A 42 -0.37 -7.98 7.47
CA ASP A 42 -1.42 -8.82 6.83
C ASP A 42 -2.20 -7.96 5.85
N TYR A 43 -2.47 -6.73 6.19
CA TYR A 43 -3.21 -5.84 5.26
C TYR A 43 -2.37 -5.65 4.00
N ILE A 44 -1.07 -5.64 4.15
CA ILE A 44 -0.18 -5.46 2.98
C ILE A 44 -0.40 -6.62 2.00
N ARG A 45 -0.69 -7.78 2.51
CA ARG A 45 -0.92 -8.95 1.61
C ARG A 45 -1.95 -8.59 0.54
N SER A 46 -3.04 -7.97 0.92
CA SER A 46 -4.08 -7.61 -0.08
C SER A 46 -3.60 -6.42 -0.92
N ALA A 47 -2.50 -5.82 -0.55
CA ALA A 47 -2.00 -4.66 -1.34
C ALA A 47 -0.81 -5.13 -2.20
N CYS A 48 -0.21 -6.21 -1.80
CA CYS A 48 0.93 -6.76 -2.55
C CYS A 48 0.54 -8.11 -3.15
N CYS A 49 -0.09 -8.95 -2.37
CA CYS A 49 -0.49 -10.30 -2.90
C CYS A 49 -1.91 -10.64 -2.45
N PRO A 50 -2.86 -9.89 -2.97
CA PRO A 50 -4.28 -10.09 -2.66
C PRO A 50 -4.85 -11.27 -3.47
N GLY A 1 6.47 16.77 -5.37
CA GLY A 1 5.40 17.87 -5.27
C GLY A 1 4.11 17.57 -4.60
N GLU A 2 3.64 16.36 -4.71
CA GLU A 2 2.36 15.99 -4.06
C GLU A 2 2.48 16.13 -2.54
N THR A 3 1.44 15.80 -1.82
CA THR A 3 1.49 15.90 -0.34
C THR A 3 1.08 14.57 0.28
N ARG A 4 0.79 14.57 1.55
CA ARG A 4 0.37 13.34 2.26
C ARG A 4 1.08 12.12 1.66
N ALA A 5 0.38 11.04 1.52
CA ALA A 5 0.97 9.80 0.98
C ALA A 5 0.00 8.67 1.28
N CYS A 6 -0.62 8.14 0.26
CA CYS A 6 -1.60 7.04 0.49
C CYS A 6 -1.39 5.96 -0.56
N GLY A 7 -2.00 6.09 -1.70
CA GLY A 7 -1.81 5.05 -2.75
C GLY A 7 -0.33 4.85 -2.88
N ARG A 8 0.39 5.93 -2.84
CA ARG A 8 1.86 5.83 -2.92
C ARG A 8 2.36 5.12 -1.68
N LYS A 9 2.06 5.69 -0.55
CA LYS A 9 2.49 5.09 0.75
C LYS A 9 2.15 3.60 0.76
N LEU A 10 1.07 3.21 0.14
CA LEU A 10 0.72 1.77 0.14
C LEU A 10 1.78 1.01 -0.67
N ILE A 11 2.02 1.42 -1.88
CA ILE A 11 3.04 0.73 -2.69
C ILE A 11 4.43 1.18 -2.24
N SER A 12 4.50 2.23 -1.46
CA SER A 12 5.83 2.71 -1.00
C SER A 12 6.34 1.82 0.13
N LEU A 13 5.61 1.73 1.21
CA LEU A 13 6.07 0.89 2.34
C LEU A 13 6.18 -0.56 1.88
N VAL A 14 5.33 -1.00 0.99
CA VAL A 14 5.43 -2.41 0.54
C VAL A 14 6.59 -2.54 -0.45
N MET A 15 6.87 -1.54 -1.22
CA MET A 15 7.99 -1.66 -2.17
C MET A 15 9.21 -2.15 -1.38
N ALA A 16 9.21 -1.89 -0.10
CA ALA A 16 10.34 -2.36 0.74
C ALA A 16 9.99 -3.73 1.31
N VAL A 17 8.72 -4.03 1.41
CA VAL A 17 8.29 -5.34 1.96
C VAL A 17 8.15 -6.35 0.82
N CYS A 18 7.66 -5.90 -0.31
CA CYS A 18 7.48 -6.82 -1.47
C CYS A 18 8.63 -6.60 -2.47
N GLY A 19 8.96 -5.37 -2.74
CA GLY A 19 10.06 -5.09 -3.71
C GLY A 19 9.49 -5.12 -5.13
N ASP A 20 8.36 -4.51 -5.34
CA ASP A 20 7.74 -4.51 -6.69
C ASP A 20 7.74 -5.92 -7.25
N LEU A 21 7.30 -6.87 -6.47
CA LEU A 21 7.26 -8.28 -6.96
C LEU A 21 5.88 -8.89 -6.68
N CYS A 22 5.31 -8.60 -5.55
CA CYS A 22 3.96 -9.17 -5.23
C CYS A 22 2.94 -8.68 -6.27
N ASN A 23 2.41 -7.50 -6.10
CA ASN A 23 1.42 -6.98 -7.08
C ASN A 23 0.83 -5.66 -6.57
N PRO A 24 1.40 -4.58 -7.01
CA PRO A 24 0.94 -3.23 -6.62
C PRO A 24 -0.31 -2.85 -7.41
N GLN A 25 -1.43 -3.43 -7.09
CA GLN A 25 -2.69 -3.12 -7.82
C GLN A 25 -3.07 -1.66 -7.57
N GLU A 26 -3.86 -1.09 -8.44
CA GLU A 26 -4.28 0.33 -8.24
C GLU A 26 -5.81 0.43 -8.26
N GLY A 27 -6.46 -0.17 -7.30
CA GLY A 27 -7.95 -0.11 -7.26
C GLY A 27 -8.39 1.03 -6.34
N LYS A 28 -7.48 1.84 -5.89
CA LYS A 28 -7.86 2.97 -4.99
C LYS A 28 -8.79 2.45 -3.90
N ASP A 29 -8.40 1.43 -3.19
CA ASP A 29 -9.27 0.88 -2.11
C ASP A 29 -8.39 0.45 -0.93
N ILE A 30 -7.56 -0.54 -1.12
CA ILE A 30 -6.68 -0.99 -0.01
C ILE A 30 -5.96 0.20 0.58
N ALA A 31 -5.63 1.16 -0.25
CA ALA A 31 -4.92 2.37 0.25
C ALA A 31 -5.92 3.32 0.90
N THR A 32 -7.19 2.99 0.86
CA THR A 32 -8.20 3.89 1.49
C THR A 32 -8.13 3.73 3.01
N GLU A 33 -7.51 2.68 3.47
CA GLU A 33 -7.40 2.47 4.94
C GLU A 33 -5.99 2.78 5.41
N CYS A 34 -5.00 2.45 4.61
CA CYS A 34 -3.59 2.72 5.02
C CYS A 34 -3.35 4.22 5.06
N CYS A 35 -4.23 5.01 4.52
CA CYS A 35 -4.03 6.48 4.56
C CYS A 35 -3.70 6.90 5.99
N GLY A 36 -4.16 6.14 6.94
CA GLY A 36 -3.88 6.47 8.37
C GLY A 36 -5.11 6.17 9.22
N ASN A 37 -5.75 5.06 8.97
CA ASN A 37 -6.96 4.70 9.77
C ASN A 37 -6.96 3.20 10.06
N GLN A 38 -6.77 2.39 9.06
CA GLN A 38 -6.76 0.92 9.28
C GLN A 38 -5.70 0.27 8.38
N CYS A 39 -5.05 -0.76 8.86
CA CYS A 39 -4.01 -1.44 8.03
C CYS A 39 -3.12 -2.30 8.93
N SER A 40 -2.15 -2.97 8.36
CA SER A 40 -1.26 -3.82 9.20
C SER A 40 -0.35 -4.65 8.29
N ASP A 41 0.68 -5.24 8.84
CA ASP A 41 1.60 -6.06 8.01
C ASP A 41 0.78 -7.04 7.17
N ASP A 42 -0.29 -7.56 7.73
CA ASP A 42 -1.13 -8.52 6.96
C ASP A 42 -1.83 -7.79 5.82
N TYR A 43 -2.47 -6.69 6.12
CA TYR A 43 -3.17 -5.93 5.05
C TYR A 43 -2.26 -5.82 3.84
N ILE A 44 -1.00 -5.60 4.07
CA ILE A 44 -0.04 -5.47 2.94
C ILE A 44 -0.26 -6.63 1.96
N ARG A 45 -0.47 -7.81 2.48
CA ARG A 45 -0.69 -8.99 1.60
C ARG A 45 -1.80 -8.68 0.59
N SER A 46 -2.88 -8.09 1.04
CA SER A 46 -4.00 -7.78 0.11
C SER A 46 -3.62 -6.56 -0.75
N ALA A 47 -2.54 -5.91 -0.45
CA ALA A 47 -2.13 -4.74 -1.27
C ALA A 47 -0.97 -5.18 -2.17
N CYS A 48 -0.30 -6.23 -1.78
CA CYS A 48 0.82 -6.75 -2.60
C CYS A 48 0.40 -8.09 -3.22
N CYS A 49 -0.16 -8.97 -2.45
CA CYS A 49 -0.58 -10.28 -3.02
C CYS A 49 -1.94 -10.70 -2.46
N PRO A 50 -2.97 -9.99 -2.87
CA PRO A 50 -4.34 -10.27 -2.44
C PRO A 50 -4.92 -11.46 -3.21
N GLY A 1 5.27 20.99 -6.74
CA GLY A 1 4.03 20.09 -6.84
C GLY A 1 3.79 19.05 -5.80
N GLU A 2 4.13 19.34 -4.57
CA GLU A 2 3.91 18.34 -3.49
C GLU A 2 2.45 17.90 -3.50
N THR A 3 2.21 16.63 -3.28
CA THR A 3 0.80 16.13 -3.29
C THR A 3 0.59 15.18 -2.12
N ARG A 4 -0.47 14.42 -2.15
CA ARG A 4 -0.75 13.47 -1.04
C ARG A 4 0.01 12.17 -1.29
N ALA A 5 0.30 11.44 -0.24
CA ALA A 5 1.01 10.16 -0.40
C ALA A 5 0.25 9.13 0.43
N CYS A 6 -0.67 8.48 -0.20
CA CYS A 6 -1.50 7.46 0.48
C CYS A 6 -1.63 6.23 -0.41
N GLY A 7 -2.14 6.40 -1.61
CA GLY A 7 -2.24 5.23 -2.52
C GLY A 7 -0.82 4.83 -2.84
N ARG A 8 0.02 5.81 -3.04
CA ARG A 8 1.45 5.53 -3.31
C ARG A 8 2.08 5.00 -2.03
N LYS A 9 1.66 5.54 -0.91
CA LYS A 9 2.20 5.09 0.40
C LYS A 9 2.03 3.57 0.51
N LEU A 10 0.93 3.06 0.04
CA LEU A 10 0.68 1.60 0.13
C LEU A 10 1.69 0.86 -0.76
N ILE A 11 1.84 1.28 -1.98
CA ILE A 11 2.80 0.61 -2.88
C ILE A 11 4.21 1.04 -2.50
N SER A 12 4.33 2.15 -1.83
CA SER A 12 5.67 2.63 -1.42
C SER A 12 6.14 1.87 -0.19
N LEU A 13 5.34 1.84 0.84
CA LEU A 13 5.76 1.10 2.06
C LEU A 13 5.90 -0.39 1.72
N VAL A 14 5.02 -0.92 0.92
CA VAL A 14 5.14 -2.37 0.57
C VAL A 14 6.35 -2.59 -0.32
N MET A 15 6.64 -1.68 -1.22
CA MET A 15 7.82 -1.88 -2.08
C MET A 15 8.99 -2.27 -1.18
N ALA A 16 8.93 -1.86 0.06
CA ALA A 16 10.01 -2.22 1.03
C ALA A 16 9.66 -3.57 1.67
N VAL A 17 8.40 -3.89 1.75
CA VAL A 17 8.00 -5.21 2.35
C VAL A 17 8.06 -6.25 1.25
N CYS A 18 7.49 -5.95 0.12
CA CYS A 18 7.50 -6.89 -1.02
C CYS A 18 8.85 -6.72 -1.74
N GLY A 19 9.06 -5.61 -2.39
CA GLY A 19 10.36 -5.39 -3.08
C GLY A 19 10.28 -5.92 -4.51
N ASP A 20 9.42 -6.88 -4.73
CA ASP A 20 9.27 -7.44 -6.08
C ASP A 20 7.98 -6.88 -6.67
N LEU A 21 7.50 -5.80 -6.12
CA LEU A 21 6.24 -5.21 -6.64
C LEU A 21 5.23 -6.33 -6.82
N CYS A 22 5.02 -7.08 -5.77
CA CYS A 22 4.08 -8.24 -5.80
C CYS A 22 2.99 -8.03 -6.86
N ASN A 23 2.06 -7.14 -6.62
CA ASN A 23 0.99 -6.93 -7.63
C ASN A 23 -0.10 -6.01 -7.08
N PRO A 24 0.18 -4.73 -7.08
CA PRO A 24 -0.76 -3.71 -6.61
C PRO A 24 -1.79 -3.43 -7.72
N GLN A 25 -2.95 -4.02 -7.64
CA GLN A 25 -3.96 -3.82 -8.70
C GLN A 25 -4.76 -2.53 -8.44
N GLU A 26 -4.08 -1.48 -8.07
CA GLU A 26 -4.76 -0.16 -7.79
C GLU A 26 -6.24 -0.36 -7.47
N GLY A 27 -6.54 -1.13 -6.46
CA GLY A 27 -7.97 -1.38 -6.11
C GLY A 27 -8.57 -0.12 -5.48
N LYS A 28 -7.78 0.91 -5.31
CA LYS A 28 -8.32 2.17 -4.70
C LYS A 28 -9.17 1.80 -3.48
N ASP A 29 -8.67 0.94 -2.64
CA ASP A 29 -9.41 0.54 -1.42
C ASP A 29 -8.43 0.25 -0.29
N ILE A 30 -7.49 -0.62 -0.52
CA ILE A 30 -6.50 -0.94 0.54
C ILE A 30 -5.82 0.35 0.99
N ALA A 31 -5.57 1.23 0.07
CA ALA A 31 -4.90 2.52 0.42
C ALA A 31 -5.92 3.48 1.04
N THR A 32 -7.17 3.09 1.12
CA THR A 32 -8.19 4.00 1.71
C THR A 32 -8.10 3.95 3.24
N GLU A 33 -7.47 2.94 3.76
CA GLU A 33 -7.34 2.81 5.24
C GLU A 33 -5.91 3.15 5.67
N CYS A 34 -4.93 2.61 5.00
CA CYS A 34 -3.53 2.89 5.36
C CYS A 34 -3.18 4.34 5.04
N CYS A 35 -3.99 4.99 4.24
CA CYS A 35 -3.72 6.41 3.90
C CYS A 35 -3.48 7.19 5.20
N GLY A 36 -3.99 6.69 6.29
CA GLY A 36 -3.81 7.39 7.60
C GLY A 36 -4.86 6.88 8.59
N ASN A 37 -5.09 5.60 8.63
CA ASN A 37 -6.10 5.06 9.58
C ASN A 37 -5.63 3.70 10.12
N GLN A 38 -5.73 2.66 9.33
CA GLN A 38 -5.30 1.32 9.81
C GLN A 38 -4.30 0.72 8.82
N CYS A 39 -3.66 -0.36 9.20
CA CYS A 39 -2.67 -1.00 8.29
C CYS A 39 -1.99 -2.15 9.03
N SER A 40 -1.20 -2.93 8.34
CA SER A 40 -0.50 -4.07 8.99
C SER A 40 0.25 -4.89 7.95
N ASP A 41 1.22 -5.65 8.36
CA ASP A 41 1.99 -6.48 7.39
C ASP A 41 1.03 -7.42 6.67
N ASP A 42 0.07 -7.95 7.35
CA ASP A 42 -0.91 -8.88 6.71
C ASP A 42 -1.74 -8.09 5.70
N TYR A 43 -2.18 -6.92 6.06
CA TYR A 43 -2.98 -6.09 5.11
C TYR A 43 -2.17 -5.87 3.85
N ILE A 44 -0.87 -5.94 3.96
CA ILE A 44 -0.01 -5.74 2.77
C ILE A 44 -0.28 -6.83 1.73
N ARG A 45 -0.41 -8.05 2.17
CA ARG A 45 -0.67 -9.16 1.22
C ARG A 45 -1.76 -8.73 0.23
N SER A 46 -2.85 -8.20 0.73
CA SER A 46 -3.95 -7.77 -0.18
C SER A 46 -3.58 -6.46 -0.88
N ALA A 47 -2.47 -5.88 -0.51
CA ALA A 47 -2.05 -4.61 -1.18
C ALA A 47 -0.94 -4.94 -2.17
N CYS A 48 -0.23 -6.00 -1.90
CA CYS A 48 0.85 -6.45 -2.83
C CYS A 48 0.32 -7.62 -3.66
N CYS A 49 -0.32 -8.56 -3.03
CA CYS A 49 -0.86 -9.72 -3.82
C CYS A 49 -2.17 -10.21 -3.18
N PRO A 50 -3.22 -9.45 -3.41
CA PRO A 50 -4.55 -9.78 -2.89
C PRO A 50 -5.22 -10.86 -3.75
N GLY A 1 5.22 21.00 -5.39
CA GLY A 1 6.26 20.18 -4.63
C GLY A 1 5.81 19.03 -3.79
N GLU A 2 5.86 19.17 -2.50
CA GLU A 2 5.43 18.07 -1.60
C GLU A 2 4.00 17.65 -1.94
N THR A 3 3.59 16.49 -1.51
CA THR A 3 2.20 16.04 -1.80
C THR A 3 1.73 15.09 -0.71
N ARG A 4 0.68 14.37 -0.97
CA ARG A 4 0.16 13.42 0.05
C ARG A 4 0.76 12.03 -0.18
N ALA A 5 0.79 11.23 0.84
CA ALA A 5 1.32 9.86 0.71
C ALA A 5 0.19 8.94 1.05
N CYS A 6 -0.45 8.46 0.04
CA CYS A 6 -1.62 7.60 0.22
C CYS A 6 -1.54 6.38 -0.71
N GLY A 7 -2.08 6.46 -1.89
CA GLY A 7 -2.00 5.32 -2.82
C GLY A 7 -0.53 4.99 -3.00
N ARG A 8 0.27 6.01 -3.09
CA ARG A 8 1.71 5.80 -3.26
C ARG A 8 2.26 5.14 -1.99
N LYS A 9 1.97 5.74 -0.86
CA LYS A 9 2.44 5.17 0.43
C LYS A 9 2.15 3.67 0.48
N LEU A 10 1.03 3.27 -0.05
CA LEU A 10 0.69 1.82 -0.04
C LEU A 10 1.78 1.05 -0.79
N ILE A 11 2.07 1.44 -2.00
CA ILE A 11 3.11 0.74 -2.78
C ILE A 11 4.49 1.16 -2.29
N SER A 12 4.57 2.27 -1.60
CA SER A 12 5.90 2.73 -1.11
C SER A 12 6.32 1.89 0.09
N LEU A 13 5.55 1.88 1.14
CA LEU A 13 5.94 1.08 2.33
C LEU A 13 6.06 -0.39 1.93
N VAL A 14 5.23 -0.85 1.03
CA VAL A 14 5.35 -2.28 0.63
C VAL A 14 6.53 -2.45 -0.31
N MET A 15 6.87 -1.46 -1.09
CA MET A 15 8.03 -1.61 -1.98
C MET A 15 9.20 -2.13 -1.13
N ALA A 16 9.17 -1.85 0.14
CA ALA A 16 10.24 -2.34 1.03
C ALA A 16 9.82 -3.70 1.60
N VAL A 17 8.54 -3.95 1.67
CA VAL A 17 8.05 -5.23 2.22
C VAL A 17 7.92 -6.27 1.08
N CYS A 18 7.46 -5.85 -0.06
CA CYS A 18 7.30 -6.79 -1.20
C CYS A 18 8.47 -6.62 -2.17
N GLY A 19 9.04 -5.44 -2.23
CA GLY A 19 10.17 -5.23 -3.18
C GLY A 19 9.62 -5.07 -4.59
N ASP A 20 8.40 -4.66 -4.72
CA ASP A 20 7.80 -4.49 -6.07
C ASP A 20 7.80 -5.84 -6.78
N LEU A 21 7.23 -6.84 -6.18
CA LEU A 21 7.21 -8.18 -6.82
C LEU A 21 5.82 -8.82 -6.66
N CYS A 22 5.22 -8.71 -5.50
CA CYS A 22 3.88 -9.32 -5.30
C CYS A 22 2.91 -8.78 -6.35
N ASN A 23 2.51 -7.54 -6.23
CA ASN A 23 1.56 -6.98 -7.23
C ASN A 23 0.94 -5.68 -6.68
N PRO A 24 1.51 -4.57 -7.06
CA PRO A 24 1.03 -3.25 -6.64
C PRO A 24 -0.21 -2.86 -7.44
N GLN A 25 -1.30 -3.55 -7.23
CA GLN A 25 -2.55 -3.25 -7.98
C GLN A 25 -3.09 -1.89 -7.54
N GLU A 26 -3.98 -1.32 -8.31
CA GLU A 26 -4.56 -0.01 -7.95
C GLU A 26 -6.09 -0.11 -7.91
N GLY A 27 -6.62 -0.84 -6.97
CA GLY A 27 -8.10 -0.99 -6.88
C GLY A 27 -8.69 0.20 -6.11
N LYS A 28 -7.87 1.16 -5.77
CA LYS A 28 -8.38 2.34 -5.02
C LYS A 28 -9.29 1.88 -3.88
N ASP A 29 -8.75 1.20 -2.91
CA ASP A 29 -9.58 0.73 -1.77
C ASP A 29 -8.67 0.39 -0.58
N ILE A 30 -7.79 -0.55 -0.75
CA ILE A 30 -6.86 -0.91 0.35
C ILE A 30 -6.15 0.34 0.84
N ALA A 31 -5.82 1.22 -0.06
CA ALA A 31 -5.14 2.47 0.36
C ALA A 31 -6.13 3.31 1.17
N THR A 32 -7.39 2.99 1.09
CA THR A 32 -8.40 3.78 1.86
C THR A 32 -8.10 3.66 3.35
N GLU A 33 -7.28 2.72 3.72
CA GLU A 33 -6.94 2.55 5.16
C GLU A 33 -5.52 3.05 5.42
N CYS A 34 -4.54 2.34 4.92
CA CYS A 34 -3.13 2.73 5.10
C CYS A 34 -2.97 4.25 5.07
N CYS A 35 -3.74 4.90 4.26
CA CYS A 35 -3.64 6.39 4.15
C CYS A 35 -4.11 7.04 5.45
N GLY A 36 -5.22 6.60 5.98
CA GLY A 36 -5.73 7.19 7.25
C GLY A 36 -6.02 6.09 8.27
N ASN A 37 -6.64 5.03 7.84
CA ASN A 37 -6.95 3.92 8.78
C ASN A 37 -5.70 3.09 9.05
N GLN A 38 -4.68 3.26 8.23
CA GLN A 38 -3.42 2.48 8.43
C GLN A 38 -3.68 1.00 8.15
N CYS A 39 -2.68 0.18 8.25
CA CYS A 39 -2.87 -1.28 7.99
C CYS A 39 -1.85 -2.10 8.78
N SER A 40 -1.53 -3.26 8.29
CA SER A 40 -0.54 -4.14 8.99
C SER A 40 0.20 -4.98 7.95
N ASP A 41 1.34 -5.51 8.28
CA ASP A 41 2.10 -6.33 7.30
C ASP A 41 1.17 -7.34 6.63
N ASP A 42 0.07 -7.68 7.26
CA ASP A 42 -0.88 -8.65 6.64
C ASP A 42 -1.68 -7.95 5.56
N TYR A 43 -2.41 -6.92 5.91
CA TYR A 43 -3.22 -6.19 4.89
C TYR A 43 -2.34 -5.94 3.66
N ILE A 44 -1.07 -5.79 3.87
CA ILE A 44 -0.14 -5.54 2.74
C ILE A 44 -0.32 -6.67 1.72
N ARG A 45 -0.57 -7.86 2.18
CA ARG A 45 -0.75 -9.00 1.25
C ARG A 45 -1.86 -8.67 0.24
N SER A 46 -2.98 -8.19 0.71
CA SER A 46 -4.09 -7.86 -0.22
C SER A 46 -3.76 -6.56 -0.96
N ALA A 47 -2.71 -5.89 -0.59
CA ALA A 47 -2.34 -4.64 -1.29
C ALA A 47 -1.17 -4.95 -2.22
N CYS A 48 -0.42 -5.94 -1.89
CA CYS A 48 0.73 -6.35 -2.73
C CYS A 48 0.32 -7.55 -3.59
N CYS A 49 -0.37 -8.50 -3.02
CA CYS A 49 -0.79 -9.68 -3.81
C CYS A 49 -2.07 -10.28 -3.22
N PRO A 50 -3.17 -9.62 -3.47
CA PRO A 50 -4.49 -10.06 -2.98
C PRO A 50 -5.04 -11.19 -3.86
N GLY A 1 5.53 19.35 -6.23
CA GLY A 1 4.56 19.93 -5.20
C GLY A 1 3.45 19.09 -4.68
N GLU A 2 3.49 17.80 -4.95
CA GLU A 2 2.42 16.90 -4.45
C GLU A 2 2.38 16.95 -2.93
N THR A 3 1.53 16.16 -2.33
CA THR A 3 1.43 16.15 -0.84
C THR A 3 0.92 14.81 -0.37
N ARG A 4 0.49 14.75 0.87
CA ARG A 4 -0.05 13.49 1.44
C ARG A 4 0.66 12.27 0.84
N ALA A 5 -0.01 11.17 0.78
CA ALA A 5 0.57 9.93 0.23
C ALA A 5 -0.23 8.75 0.75
N CYS A 6 -0.94 8.09 -0.12
CA CYS A 6 -1.77 6.94 0.32
C CYS A 6 -1.63 5.79 -0.67
N GLY A 7 -2.34 5.82 -1.75
CA GLY A 7 -2.21 4.73 -2.75
C GLY A 7 -0.73 4.58 -3.01
N ARG A 8 -0.05 5.68 -3.11
CA ARG A 8 1.40 5.64 -3.34
C ARG A 8 2.09 5.13 -2.09
N LYS A 9 1.70 5.64 -0.95
CA LYS A 9 2.32 5.18 0.33
C LYS A 9 2.05 3.69 0.51
N LEU A 10 0.98 3.19 -0.02
CA LEU A 10 0.68 1.74 0.13
C LEU A 10 1.62 0.95 -0.76
N ILE A 11 1.84 1.38 -1.97
CA ILE A 11 2.76 0.65 -2.85
C ILE A 11 4.18 1.09 -2.54
N SER A 12 4.34 2.18 -1.83
CA SER A 12 5.70 2.66 -1.48
C SER A 12 6.21 1.88 -0.28
N LEU A 13 5.46 1.84 0.78
CA LEU A 13 5.92 1.08 1.98
C LEU A 13 6.05 -0.40 1.61
N VAL A 14 5.17 -0.92 0.80
CA VAL A 14 5.30 -2.36 0.44
C VAL A 14 6.47 -2.54 -0.51
N MET A 15 6.69 -1.64 -1.42
CA MET A 15 7.83 -1.82 -2.33
C MET A 15 9.06 -2.16 -1.50
N ALA A 16 9.06 -1.76 -0.26
CA ALA A 16 10.22 -2.08 0.63
C ALA A 16 9.90 -3.35 1.41
N VAL A 17 8.63 -3.66 1.59
CA VAL A 17 8.26 -4.90 2.34
C VAL A 17 8.16 -6.05 1.35
N CYS A 18 7.62 -5.80 0.19
CA CYS A 18 7.51 -6.86 -0.83
C CYS A 18 8.85 -6.95 -1.57
N GLY A 19 9.23 -5.89 -2.26
CA GLY A 19 10.55 -5.92 -2.97
C GLY A 19 10.35 -6.46 -4.37
N ASP A 20 9.32 -7.23 -4.57
CA ASP A 20 9.05 -7.79 -5.92
C ASP A 20 7.84 -7.07 -6.50
N LEU A 21 7.49 -5.94 -5.94
CA LEU A 21 6.31 -5.20 -6.44
C LEU A 21 5.18 -6.19 -6.66
N CYS A 22 5.12 -7.18 -5.80
CA CYS A 22 4.08 -8.26 -5.88
C CYS A 22 2.97 -7.93 -6.89
N ASN A 23 2.13 -6.98 -6.59
CA ASN A 23 1.05 -6.63 -7.55
C ASN A 23 0.02 -5.71 -6.89
N PRO A 24 0.18 -4.43 -7.12
CA PRO A 24 -0.73 -3.40 -6.57
C PRO A 24 -2.01 -3.32 -7.41
N GLN A 25 -2.67 -4.43 -7.62
CA GLN A 25 -3.91 -4.42 -8.43
C GLN A 25 -4.92 -3.44 -7.83
N GLU A 26 -5.29 -2.43 -8.58
CA GLU A 26 -6.28 -1.45 -8.06
C GLU A 26 -5.89 -1.02 -6.63
N GLY A 27 -4.99 -0.09 -6.51
CA GLY A 27 -4.57 0.38 -5.16
C GLY A 27 -5.50 1.50 -4.69
N LYS A 28 -6.61 1.67 -5.35
CA LYS A 28 -7.55 2.75 -4.92
C LYS A 28 -8.54 2.19 -3.90
N ASP A 29 -8.05 1.49 -2.92
CA ASP A 29 -8.94 0.91 -1.89
C ASP A 29 -8.11 0.55 -0.65
N ILE A 30 -7.24 -0.41 -0.79
CA ILE A 30 -6.38 -0.80 0.36
C ILE A 30 -5.75 0.47 0.93
N ALA A 31 -5.48 1.41 0.09
CA ALA A 31 -4.86 2.69 0.54
C ALA A 31 -5.92 3.61 1.12
N THR A 32 -7.16 3.23 1.06
CA THR A 32 -8.24 4.09 1.61
C THR A 32 -8.28 3.95 3.12
N GLU A 33 -7.75 2.87 3.63
CA GLU A 33 -7.76 2.65 5.10
C GLU A 33 -6.35 2.86 5.68
N CYS A 34 -5.33 2.65 4.89
CA CYS A 34 -3.95 2.82 5.40
C CYS A 34 -3.50 4.27 5.27
N CYS A 35 -4.36 5.15 4.85
CA CYS A 35 -3.97 6.58 4.72
C CYS A 35 -3.41 7.07 6.05
N GLY A 36 -3.73 6.39 7.11
CA GLY A 36 -3.22 6.81 8.45
C GLY A 36 -4.19 6.32 9.53
N ASN A 37 -4.72 5.14 9.38
CA ASN A 37 -5.66 4.61 10.40
C ASN A 37 -5.40 3.12 10.62
N GLN A 38 -5.68 2.30 9.64
CA GLN A 38 -5.45 0.84 9.79
C GLN A 38 -4.35 0.39 8.83
N CYS A 39 -3.58 -0.60 9.22
CA CYS A 39 -2.49 -1.09 8.32
C CYS A 39 -1.65 -2.13 9.07
N SER A 40 -1.22 -3.16 8.38
CA SER A 40 -0.41 -4.21 9.06
C SER A 40 0.29 -5.07 7.99
N ASP A 41 1.31 -5.79 8.38
CA ASP A 41 2.02 -6.65 7.40
C ASP A 41 1.02 -7.53 6.67
N ASP A 42 0.02 -8.01 7.35
CA ASP A 42 -0.99 -8.89 6.69
C ASP A 42 -1.77 -8.05 5.67
N TYR A 43 -2.21 -6.88 6.05
CA TYR A 43 -2.97 -6.02 5.12
C TYR A 43 -2.14 -5.81 3.84
N ILE A 44 -0.86 -5.96 3.94
CA ILE A 44 0.01 -5.77 2.74
C ILE A 44 -0.28 -6.88 1.72
N ARG A 45 -0.43 -8.09 2.17
CA ARG A 45 -0.71 -9.21 1.23
C ARG A 45 -1.77 -8.77 0.22
N SER A 46 -2.88 -8.28 0.69
CA SER A 46 -3.96 -7.84 -0.24
C SER A 46 -3.57 -6.54 -0.92
N ALA A 47 -2.46 -5.96 -0.55
CA ALA A 47 -2.04 -4.69 -1.19
C ALA A 47 -0.93 -5.01 -2.19
N CYS A 48 -0.19 -6.04 -1.91
CA CYS A 48 0.89 -6.47 -2.85
C CYS A 48 0.37 -7.64 -3.69
N CYS A 49 -0.31 -8.58 -3.08
CA CYS A 49 -0.84 -9.73 -3.87
C CYS A 49 -2.15 -10.24 -3.24
N PRO A 50 -3.21 -9.51 -3.46
CA PRO A 50 -4.55 -9.87 -2.96
C PRO A 50 -5.17 -10.95 -3.83
N GLY A 1 8.12 17.10 2.10
CA GLY A 1 6.70 17.50 1.70
C GLY A 1 6.08 16.87 0.49
N GLU A 2 6.09 15.56 0.43
CA GLU A 2 5.48 14.87 -0.73
C GLU A 2 3.98 15.14 -0.77
N THR A 3 3.42 15.25 -1.94
CA THR A 3 1.95 15.50 -2.04
C THR A 3 1.19 14.41 -1.30
N ARG A 4 -0.06 14.27 -1.62
CA ARG A 4 -0.89 13.22 -0.95
C ARG A 4 -0.08 11.92 -0.87
N ALA A 5 -0.30 11.15 0.15
CA ALA A 5 0.43 9.87 0.30
C ALA A 5 -0.56 8.83 0.81
N CYS A 6 -1.16 8.13 -0.10
CA CYS A 6 -2.17 7.12 0.26
C CYS A 6 -1.93 5.86 -0.56
N GLY A 7 -2.32 5.86 -1.81
CA GLY A 7 -2.07 4.66 -2.64
C GLY A 7 -0.55 4.50 -2.73
N ARG A 8 0.14 5.60 -2.73
CA ARG A 8 1.62 5.57 -2.79
C ARG A 8 2.13 4.97 -1.46
N LYS A 9 1.60 5.44 -0.37
CA LYS A 9 2.02 4.93 0.95
C LYS A 9 1.92 3.40 0.97
N LEU A 10 0.91 2.87 0.32
CA LEU A 10 0.75 1.39 0.29
C LEU A 10 1.88 0.78 -0.53
N ILE A 11 2.08 1.28 -1.72
CA ILE A 11 3.17 0.72 -2.56
C ILE A 11 4.51 1.22 -2.03
N SER A 12 4.49 2.24 -1.22
CA SER A 12 5.77 2.78 -0.68
C SER A 12 6.31 1.84 0.40
N LEU A 13 5.62 1.70 1.49
CA LEU A 13 6.10 0.81 2.57
C LEU A 13 6.30 -0.61 2.02
N VAL A 14 5.46 -1.03 1.09
CA VAL A 14 5.64 -2.40 0.56
C VAL A 14 6.79 -2.42 -0.43
N MET A 15 7.06 -1.35 -1.13
CA MET A 15 8.20 -1.39 -2.06
C MET A 15 9.41 -1.90 -1.29
N ALA A 16 9.40 -1.74 0.00
CA ALA A 16 10.54 -2.23 0.83
C ALA A 16 10.20 -3.65 1.33
N VAL A 17 8.93 -3.98 1.39
CA VAL A 17 8.52 -5.33 1.88
C VAL A 17 8.28 -6.27 0.70
N CYS A 18 7.70 -5.77 -0.36
CA CYS A 18 7.42 -6.64 -1.55
C CYS A 18 8.54 -6.45 -2.58
N GLY A 19 9.11 -5.29 -2.64
CA GLY A 19 10.20 -5.04 -3.64
C GLY A 19 9.59 -5.01 -5.05
N ASP A 20 8.36 -4.62 -5.15
CA ASP A 20 7.70 -4.56 -6.49
C ASP A 20 7.70 -5.96 -7.11
N LEU A 21 7.12 -6.90 -6.43
CA LEU A 21 7.09 -8.29 -6.97
C LEU A 21 5.68 -8.87 -6.82
N CYS A 22 5.08 -8.70 -5.67
CA CYS A 22 3.71 -9.25 -5.46
C CYS A 22 2.75 -8.61 -6.46
N ASN A 23 2.43 -7.36 -6.28
CA ASN A 23 1.49 -6.69 -7.24
C ASN A 23 0.98 -5.39 -6.63
N PRO A 24 1.66 -4.31 -6.96
CA PRO A 24 1.29 -2.97 -6.47
C PRO A 24 0.11 -2.41 -7.26
N GLN A 25 -0.98 -3.15 -7.30
CA GLN A 25 -2.17 -2.68 -8.06
C GLN A 25 -2.69 -1.38 -7.45
N GLU A 26 -3.53 -0.68 -8.16
CA GLU A 26 -4.08 0.60 -7.62
C GLU A 26 -5.61 0.58 -7.71
N GLY A 27 -6.25 -0.23 -6.92
CA GLY A 27 -7.74 -0.30 -6.98
C GLY A 27 -8.33 0.76 -6.05
N LYS A 28 -7.54 1.70 -5.62
CA LYS A 28 -8.05 2.77 -4.72
C LYS A 28 -8.97 2.16 -3.66
N ASP A 29 -8.52 1.12 -3.00
CA ASP A 29 -9.36 0.47 -1.96
C ASP A 29 -8.51 0.23 -0.71
N ILE A 30 -7.62 -0.72 -0.74
CA ILE A 30 -6.77 -0.99 0.43
C ILE A 30 -6.09 0.31 0.86
N ALA A 31 -5.69 1.09 -0.09
CA ALA A 31 -5.01 2.38 0.22
C ALA A 31 -6.03 3.38 0.76
N THR A 32 -7.28 3.00 0.80
CA THR A 32 -8.32 3.94 1.31
C THR A 32 -8.22 4.01 2.84
N GLU A 33 -7.66 2.99 3.44
CA GLU A 33 -7.54 2.98 4.92
C GLU A 33 -6.08 3.23 5.32
N CYS A 34 -5.16 2.81 4.52
CA CYS A 34 -3.71 3.02 4.86
C CYS A 34 -3.31 4.46 4.53
N CYS A 35 -4.24 5.30 4.19
CA CYS A 35 -3.88 6.71 3.88
C CYS A 35 -2.97 7.24 4.99
N GLY A 36 -3.09 6.68 6.16
CA GLY A 36 -2.24 7.12 7.30
C GLY A 36 -3.02 6.97 8.60
N ASN A 37 -3.69 5.86 8.79
CA ASN A 37 -4.47 5.67 10.05
C ASN A 37 -4.47 4.18 10.43
N GLN A 38 -4.88 3.33 9.54
CA GLN A 38 -4.90 1.87 9.87
C GLN A 38 -4.10 1.09 8.82
N CYS A 39 -3.24 0.23 9.26
CA CYS A 39 -2.42 -0.58 8.31
C CYS A 39 -1.96 -1.86 8.99
N SER A 40 -1.12 -2.62 8.35
CA SER A 40 -0.62 -3.89 8.98
C SER A 40 0.13 -4.71 7.93
N ASP A 41 1.21 -5.35 8.33
CA ASP A 41 1.98 -6.16 7.37
C ASP A 41 1.07 -7.18 6.71
N ASP A 42 0.20 -7.79 7.48
CA ASP A 42 -0.74 -8.79 6.89
C ASP A 42 -1.68 -8.07 5.92
N TYR A 43 -2.14 -6.92 6.29
CA TYR A 43 -3.06 -6.16 5.39
C TYR A 43 -2.33 -5.89 4.07
N ILE A 44 -1.03 -5.82 4.13
CA ILE A 44 -0.24 -5.57 2.89
C ILE A 44 -0.45 -6.71 1.90
N ARG A 45 -0.62 -7.90 2.41
CA ARG A 45 -0.83 -9.07 1.51
C ARG A 45 -1.89 -8.72 0.45
N SER A 46 -3.04 -8.28 0.87
CA SER A 46 -4.09 -7.94 -0.12
C SER A 46 -3.77 -6.60 -0.80
N ALA A 47 -2.70 -5.98 -0.42
CA ALA A 47 -2.33 -4.69 -1.06
C ALA A 47 -1.18 -4.94 -2.05
N CYS A 48 -0.40 -5.95 -1.77
CA CYS A 48 0.73 -6.30 -2.68
C CYS A 48 0.28 -7.44 -3.60
N CYS A 49 -0.37 -8.42 -3.06
CA CYS A 49 -0.82 -9.56 -3.92
C CYS A 49 -2.08 -10.21 -3.32
N PRO A 50 -3.19 -9.54 -3.49
CA PRO A 50 -4.49 -10.02 -2.99
C PRO A 50 -5.05 -11.12 -3.92
N GLY A 1 11.68 16.70 1.17
CA GLY A 1 11.93 15.19 1.28
C GLY A 1 10.78 14.26 1.47
N GLU A 2 10.08 14.39 2.57
CA GLU A 2 8.92 13.50 2.83
C GLU A 2 7.63 14.30 2.67
N THR A 3 6.60 13.68 2.15
CA THR A 3 5.31 14.40 1.96
C THR A 3 4.14 13.44 2.20
N ARG A 4 2.99 13.81 1.75
CA ARG A 4 1.80 12.93 1.93
C ARG A 4 2.13 11.53 1.41
N ALA A 5 1.55 10.53 2.00
CA ALA A 5 1.80 9.13 1.56
C ALA A 5 0.49 8.40 1.61
N CYS A 6 -0.17 8.45 0.51
CA CYS A 6 -1.46 7.77 0.37
C CYS A 6 -1.49 7.11 -1.00
N GLY A 7 -1.83 5.87 -1.03
CA GLY A 7 -1.83 5.12 -2.31
C GLY A 7 -0.39 4.89 -2.64
N ARG A 8 0.31 5.95 -2.86
CA ARG A 8 1.74 5.81 -3.10
C ARG A 8 2.28 5.29 -1.80
N LYS A 9 1.65 5.63 -0.71
CA LYS A 9 2.13 5.10 0.60
C LYS A 9 2.00 3.59 0.58
N LEU A 10 0.89 3.08 0.14
CA LEU A 10 0.68 1.63 0.10
C LEU A 10 1.75 0.95 -0.74
N ILE A 11 2.10 1.52 -1.86
CA ILE A 11 3.14 0.89 -2.70
C ILE A 11 4.52 1.34 -2.24
N SER A 12 4.58 2.42 -1.51
CA SER A 12 5.90 2.91 -1.02
C SER A 12 6.35 2.02 0.14
N LEU A 13 5.54 1.90 1.16
CA LEU A 13 5.92 1.06 2.30
C LEU A 13 6.07 -0.40 1.86
N VAL A 14 5.25 -0.85 0.94
CA VAL A 14 5.39 -2.27 0.51
C VAL A 14 6.56 -2.40 -0.45
N MET A 15 6.85 -1.40 -1.24
CA MET A 15 8.00 -1.54 -2.14
C MET A 15 9.20 -2.00 -1.32
N ALA A 16 9.18 -1.72 -0.04
CA ALA A 16 10.29 -2.16 0.84
C ALA A 16 9.92 -3.52 1.43
N VAL A 17 8.66 -3.84 1.49
CA VAL A 17 8.23 -5.15 2.06
C VAL A 17 8.10 -6.19 0.93
N CYS A 18 7.59 -5.78 -0.21
CA CYS A 18 7.43 -6.74 -1.34
C CYS A 18 8.58 -6.56 -2.33
N GLY A 19 9.03 -5.34 -2.51
CA GLY A 19 10.14 -5.09 -3.46
C GLY A 19 9.60 -5.10 -4.89
N ASP A 20 8.41 -4.61 -5.08
CA ASP A 20 7.81 -4.59 -6.45
C ASP A 20 7.85 -6.01 -7.03
N LEU A 21 7.28 -6.95 -6.34
CA LEU A 21 7.27 -8.35 -6.86
C LEU A 21 5.88 -8.96 -6.71
N CYS A 22 5.26 -8.79 -5.58
CA CYS A 22 3.90 -9.36 -5.39
C CYS A 22 2.92 -8.75 -6.40
N ASN A 23 2.53 -7.52 -6.21
CA ASN A 23 1.58 -6.89 -7.17
C ASN A 23 1.00 -5.61 -6.56
N PRO A 24 1.60 -4.50 -6.88
CA PRO A 24 1.17 -3.19 -6.39
C PRO A 24 -0.05 -2.69 -7.17
N GLN A 25 -1.15 -3.36 -7.04
CA GLN A 25 -2.38 -2.94 -7.77
C GLN A 25 -2.72 -1.49 -7.43
N GLU A 26 -3.61 -0.89 -8.16
CA GLU A 26 -4.00 0.52 -7.88
C GLU A 26 -5.52 0.67 -8.01
N GLY A 27 -6.26 0.10 -7.10
CA GLY A 27 -7.75 0.21 -7.17
C GLY A 27 -8.23 1.28 -6.20
N LYS A 28 -7.34 2.10 -5.71
CA LYS A 28 -7.75 3.17 -4.75
C LYS A 28 -8.71 2.59 -3.72
N ASP A 29 -8.32 1.53 -3.07
CA ASP A 29 -9.21 0.91 -2.05
C ASP A 29 -8.38 0.51 -0.83
N ILE A 30 -7.52 -0.47 -0.98
CA ILE A 30 -6.67 -0.90 0.17
C ILE A 30 -5.95 0.32 0.73
N ALA A 31 -5.54 1.21 -0.12
CA ALA A 31 -4.85 2.43 0.34
C ALA A 31 -5.85 3.36 1.02
N THR A 32 -7.11 3.00 1.02
CA THR A 32 -8.12 3.87 1.66
C THR A 32 -7.99 3.76 3.19
N GLU A 33 -7.31 2.74 3.65
CA GLU A 33 -7.13 2.57 5.12
C GLU A 33 -5.70 2.95 5.51
N CYS A 34 -4.74 2.56 4.71
CA CYS A 34 -3.33 2.90 5.02
C CYS A 34 -3.12 4.42 4.95
N CYS A 35 -4.02 5.12 4.32
CA CYS A 35 -3.88 6.60 4.22
C CYS A 35 -3.57 7.15 5.61
N GLY A 36 -3.97 6.45 6.63
CA GLY A 36 -3.72 6.92 8.02
C GLY A 36 -4.93 6.58 8.89
N ASN A 37 -5.46 5.40 8.76
CA ASN A 37 -6.65 5.02 9.58
C ASN A 37 -6.50 3.56 10.04
N GLN A 38 -6.31 2.66 9.12
CA GLN A 38 -6.19 1.22 9.51
C GLN A 38 -5.21 0.52 8.55
N CYS A 39 -4.65 -0.58 8.98
CA CYS A 39 -3.70 -1.33 8.10
C CYS A 39 -2.87 -2.29 8.96
N SER A 40 -2.05 -3.10 8.34
CA SER A 40 -1.22 -4.06 9.12
C SER A 40 -0.32 -4.86 8.17
N ASP A 41 0.68 -5.50 8.69
CA ASP A 41 1.59 -6.29 7.83
C ASP A 41 0.77 -7.29 7.01
N ASP A 42 -0.26 -7.85 7.60
CA ASP A 42 -1.10 -8.83 6.85
C ASP A 42 -1.92 -8.08 5.79
N TYR A 43 -2.39 -6.91 6.12
CA TYR A 43 -3.18 -6.13 5.13
C TYR A 43 -2.35 -5.93 3.87
N ILE A 44 -1.07 -5.87 4.01
CA ILE A 44 -0.18 -5.68 2.83
C ILE A 44 -0.40 -6.84 1.85
N ARG A 45 -0.55 -8.04 2.36
CA ARG A 45 -0.76 -9.20 1.46
C ARG A 45 -1.79 -8.86 0.38
N SER A 46 -2.95 -8.41 0.78
CA SER A 46 -4.00 -8.06 -0.23
C SER A 46 -3.66 -6.72 -0.90
N ALA A 47 -2.61 -6.09 -0.48
CA ALA A 47 -2.23 -4.79 -1.12
C ALA A 47 -1.09 -5.05 -2.09
N CYS A 48 -0.33 -6.07 -1.82
CA CYS A 48 0.80 -6.44 -2.71
C CYS A 48 0.39 -7.64 -3.57
N CYS A 49 -0.22 -8.63 -2.99
CA CYS A 49 -0.64 -9.81 -3.78
C CYS A 49 -1.94 -10.39 -3.21
N PRO A 50 -3.02 -9.70 -3.45
CA PRO A 50 -4.35 -10.11 -3.01
C PRO A 50 -4.91 -11.21 -3.92
N GLY A 1 10.09 11.30 -5.51
CA GLY A 1 10.28 12.39 -4.46
C GLY A 1 9.52 12.33 -3.18
N GLU A 2 9.96 13.02 -2.18
CA GLU A 2 9.25 12.99 -0.87
C GLU A 2 7.88 13.65 -1.03
N THR A 3 6.84 13.01 -0.55
CA THR A 3 5.48 13.60 -0.69
C THR A 3 4.55 12.96 0.33
N ARG A 4 3.27 13.12 0.13
CA ARG A 4 2.28 12.52 1.07
C ARG A 4 2.39 11.00 1.01
N ALA A 5 2.15 10.34 2.12
CA ALA A 5 2.21 8.87 2.14
C ALA A 5 0.81 8.35 2.24
N CYS A 6 0.15 8.43 1.14
CA CYS A 6 -1.24 7.95 1.06
C CYS A 6 -1.41 7.31 -0.31
N GLY A 7 -1.85 6.10 -0.34
CA GLY A 7 -2.02 5.39 -1.64
C GLY A 7 -0.63 5.07 -2.11
N ARG A 8 0.13 6.08 -2.35
CA ARG A 8 1.52 5.84 -2.73
C ARG A 8 2.18 5.27 -1.49
N LYS A 9 1.66 5.63 -0.34
CA LYS A 9 2.24 5.09 0.92
C LYS A 9 2.16 3.56 0.88
N LEU A 10 1.01 3.05 0.54
CA LEU A 10 0.82 1.58 0.48
C LEU A 10 1.86 0.95 -0.45
N ILE A 11 2.09 1.53 -1.58
CA ILE A 11 3.08 0.95 -2.50
C ILE A 11 4.49 1.36 -2.07
N SER A 12 4.58 2.40 -1.29
CA SER A 12 5.92 2.85 -0.82
C SER A 12 6.42 1.89 0.27
N LEU A 13 5.68 1.73 1.31
CA LEU A 13 6.12 0.81 2.39
C LEU A 13 6.23 -0.61 1.84
N VAL A 14 5.34 -1.02 0.99
CA VAL A 14 5.45 -2.41 0.45
C VAL A 14 6.59 -2.48 -0.55
N MET A 15 6.87 -1.43 -1.28
CA MET A 15 7.99 -1.52 -2.23
C MET A 15 9.20 -2.05 -1.47
N ALA A 16 9.22 -1.85 -0.18
CA ALA A 16 10.35 -2.38 0.63
C ALA A 16 10.00 -3.80 1.09
N VAL A 17 8.72 -4.11 1.16
CA VAL A 17 8.31 -5.47 1.60
C VAL A 17 8.12 -6.38 0.38
N CYS A 18 7.61 -5.84 -0.70
CA CYS A 18 7.40 -6.67 -1.92
C CYS A 18 8.51 -6.40 -2.93
N GLY A 19 9.11 -5.24 -2.87
CA GLY A 19 10.21 -4.91 -3.83
C GLY A 19 9.67 -5.05 -5.25
N ASP A 20 8.46 -4.63 -5.47
CA ASP A 20 7.86 -4.75 -6.84
C ASP A 20 7.82 -6.22 -7.22
N LEU A 21 7.37 -7.06 -6.33
CA LEU A 21 7.29 -8.51 -6.64
C LEU A 21 5.84 -8.97 -6.56
N CYS A 22 5.22 -8.84 -5.41
CA CYS A 22 3.80 -9.27 -5.28
C CYS A 22 2.92 -8.44 -6.21
N ASN A 23 3.20 -7.15 -6.33
CA ASN A 23 2.40 -6.29 -7.25
C ASN A 23 1.08 -5.86 -6.58
N PRO A 24 0.99 -4.59 -6.25
CA PRO A 24 -0.22 -4.03 -5.62
C PRO A 24 -1.31 -3.81 -6.67
N GLN A 25 -1.62 -4.82 -7.44
CA GLN A 25 -2.66 -4.68 -8.48
C GLN A 25 -3.92 -4.06 -7.86
N GLU A 26 -4.60 -3.23 -8.58
CA GLU A 26 -5.83 -2.59 -8.03
C GLU A 26 -5.56 -2.14 -6.61
N GLY A 27 -4.55 -1.33 -6.41
CA GLY A 27 -4.23 -0.86 -5.04
C GLY A 27 -5.09 0.37 -4.70
N LYS A 28 -6.06 0.66 -5.53
CA LYS A 28 -6.93 1.83 -5.25
C LYS A 28 -8.05 1.42 -4.29
N ASP A 29 -7.71 0.76 -3.22
CA ASP A 29 -8.74 0.32 -2.24
C ASP A 29 -8.06 0.10 -0.89
N ILE A 30 -7.21 -0.89 -0.80
CA ILE A 30 -6.51 -1.16 0.48
C ILE A 30 -5.87 0.13 0.96
N ALA A 31 -5.31 0.88 0.05
CA ALA A 31 -4.64 2.15 0.43
C ALA A 31 -5.68 3.22 0.75
N THR A 32 -6.94 2.91 0.60
CA THR A 32 -7.98 3.92 0.90
C THR A 32 -8.14 4.03 2.43
N GLU A 33 -7.74 3.01 3.13
CA GLU A 33 -7.86 3.04 4.61
C GLU A 33 -6.48 3.25 5.25
N CYS A 34 -5.44 2.86 4.57
CA CYS A 34 -4.07 3.03 5.15
C CYS A 34 -3.56 4.46 4.92
N CYS A 35 -4.32 5.27 4.24
CA CYS A 35 -3.88 6.67 4.00
C CYS A 35 -3.88 7.43 5.34
N GLY A 36 -4.40 6.82 6.37
CA GLY A 36 -4.42 7.51 7.69
C GLY A 36 -5.58 6.95 8.53
N ASN A 37 -5.63 5.65 8.70
CA ASN A 37 -6.74 5.05 9.50
C ASN A 37 -6.31 3.68 10.03
N GLN A 38 -6.11 2.73 9.16
CA GLN A 38 -5.70 1.37 9.63
C GLN A 38 -4.56 0.84 8.75
N CYS A 39 -3.95 -0.24 9.16
CA CYS A 39 -2.83 -0.81 8.35
C CYS A 39 -2.14 -1.92 9.16
N SER A 40 -1.44 -2.82 8.51
CA SER A 40 -0.76 -3.91 9.26
C SER A 40 0.10 -4.74 8.29
N ASP A 41 1.04 -5.47 8.80
CA ASP A 41 1.91 -6.31 7.93
C ASP A 41 1.05 -7.30 7.16
N ASP A 42 0.04 -7.85 7.78
CA ASP A 42 -0.83 -8.83 7.06
C ASP A 42 -1.72 -8.07 6.08
N TYR A 43 -2.15 -6.90 6.45
CA TYR A 43 -3.02 -6.10 5.53
C TYR A 43 -2.28 -5.87 4.21
N ILE A 44 -0.98 -5.87 4.24
CA ILE A 44 -0.20 -5.63 3.00
C ILE A 44 -0.45 -6.79 2.02
N ARG A 45 -0.73 -7.96 2.53
CA ARG A 45 -0.98 -9.12 1.63
C ARG A 45 -1.97 -8.72 0.52
N SER A 46 -3.08 -8.15 0.89
CA SER A 46 -4.09 -7.76 -0.14
C SER A 46 -3.66 -6.46 -0.82
N ALA A 47 -2.57 -5.88 -0.39
CA ALA A 47 -2.11 -4.62 -1.04
C ALA A 47 -0.96 -4.96 -1.99
N CYS A 48 -0.42 -6.14 -1.87
CA CYS A 48 0.69 -6.58 -2.75
C CYS A 48 0.27 -7.86 -3.46
N CYS A 49 -0.41 -8.74 -2.77
CA CYS A 49 -0.85 -10.01 -3.42
C CYS A 49 -2.22 -10.41 -2.90
N PRO A 50 -3.20 -9.62 -3.24
CA PRO A 50 -4.60 -9.85 -2.83
C PRO A 50 -5.24 -10.91 -3.73
N GLY A 1 5.53 20.90 -4.71
CA GLY A 1 5.60 19.47 -5.25
C GLY A 1 5.02 18.35 -4.46
N GLU A 2 5.14 18.41 -3.16
CA GLU A 2 4.59 17.32 -2.30
C GLU A 2 3.07 17.24 -2.50
N THR A 3 2.49 16.10 -2.22
CA THR A 3 1.02 15.95 -2.39
C THR A 3 0.51 14.80 -1.51
N ARG A 4 -0.67 14.34 -1.79
CA ARG A 4 -1.23 13.21 -0.99
C ARG A 4 -0.38 11.95 -1.22
N ALA A 5 -0.37 11.07 -0.26
CA ALA A 5 0.41 9.82 -0.40
C ALA A 5 -0.38 8.71 0.28
N CYS A 6 -1.12 8.00 -0.50
CA CYS A 6 -1.97 6.90 0.04
C CYS A 6 -1.82 5.69 -0.86
N GLY A 7 -2.38 5.72 -2.04
CA GLY A 7 -2.21 4.56 -2.94
C GLY A 7 -0.72 4.37 -3.10
N ARG A 8 -0.02 5.47 -3.20
CA ARG A 8 1.45 5.40 -3.33
C ARG A 8 2.03 4.92 -2.00
N LYS A 9 1.57 5.50 -0.92
CA LYS A 9 2.06 5.09 0.41
C LYS A 9 1.96 3.56 0.56
N LEU A 10 0.95 2.98 -0.02
CA LEU A 10 0.79 1.52 0.08
C LEU A 10 1.84 0.82 -0.78
N ILE A 11 1.99 1.24 -2.00
CA ILE A 11 3.01 0.61 -2.87
C ILE A 11 4.39 1.08 -2.41
N SER A 12 4.45 2.15 -1.67
CA SER A 12 5.76 2.66 -1.19
C SER A 12 6.24 1.81 -0.02
N LEU A 13 5.49 1.75 1.04
CA LEU A 13 5.92 0.95 2.20
C LEU A 13 6.06 -0.53 1.79
N VAL A 14 5.23 -1.00 0.92
CA VAL A 14 5.34 -2.44 0.50
C VAL A 14 6.54 -2.60 -0.42
N MET A 15 6.81 -1.65 -1.27
CA MET A 15 7.98 -1.81 -2.16
C MET A 15 9.17 -2.23 -1.30
N ALA A 16 9.14 -1.88 -0.04
CA ALA A 16 10.26 -2.27 0.87
C ALA A 16 9.89 -3.58 1.56
N VAL A 17 8.62 -3.89 1.67
CA VAL A 17 8.20 -5.14 2.33
C VAL A 17 8.12 -6.25 1.28
N CYS A 18 7.66 -5.92 0.11
CA CYS A 18 7.57 -6.93 -0.97
C CYS A 18 8.89 -6.94 -1.75
N GLY A 19 9.25 -5.83 -2.35
CA GLY A 19 10.54 -5.77 -3.10
C GLY A 19 10.33 -6.22 -4.54
N ASP A 20 9.29 -6.97 -4.78
CA ASP A 20 9.01 -7.43 -6.16
C ASP A 20 7.71 -6.79 -6.62
N LEU A 21 7.33 -5.71 -5.97
CA LEU A 21 6.08 -5.01 -6.32
C LEU A 21 5.04 -5.99 -6.77
N CYS A 22 4.69 -6.85 -5.88
CA CYS A 22 3.67 -7.91 -6.16
C CYS A 22 2.56 -7.36 -7.06
N ASN A 23 1.91 -6.30 -6.66
CA ASN A 23 0.80 -5.75 -7.48
C ASN A 23 0.07 -4.66 -6.67
N PRO A 24 0.32 -3.42 -7.01
CA PRO A 24 -0.28 -2.27 -6.34
C PRO A 24 -1.68 -1.99 -6.90
N GLN A 25 -2.66 -2.72 -6.46
CA GLN A 25 -4.03 -2.51 -6.96
C GLN A 25 -4.40 -1.02 -6.83
N GLU A 26 -5.06 -0.47 -7.81
CA GLU A 26 -5.43 0.96 -7.74
C GLU A 26 -6.96 1.09 -7.65
N GLY A 27 -7.57 0.42 -6.71
CA GLY A 27 -9.05 0.50 -6.56
C GLY A 27 -9.37 1.39 -5.36
N LYS A 28 -8.44 2.22 -4.95
CA LYS A 28 -8.69 3.11 -3.79
C LYS A 28 -9.41 2.33 -2.69
N ASP A 29 -8.92 1.17 -2.36
CA ASP A 29 -9.57 0.37 -1.28
C ASP A 29 -8.53 0.07 -0.20
N ILE A 30 -7.56 -0.73 -0.49
CA ILE A 30 -6.52 -1.04 0.52
C ILE A 30 -5.84 0.26 0.94
N ALA A 31 -5.65 1.14 0.00
CA ALA A 31 -4.99 2.44 0.32
C ALA A 31 -6.01 3.41 0.92
N THR A 32 -7.25 3.03 1.01
CA THR A 32 -8.26 3.95 1.58
C THR A 32 -8.21 3.88 3.11
N GLU A 33 -7.63 2.84 3.64
CA GLU A 33 -7.54 2.71 5.12
C GLU A 33 -6.11 3.00 5.58
N CYS A 34 -5.13 2.61 4.80
CA CYS A 34 -3.72 2.84 5.19
C CYS A 34 -3.33 4.30 4.93
N CYS A 35 -4.26 5.10 4.47
CA CYS A 35 -3.93 6.54 4.21
C CYS A 35 -3.21 7.10 5.43
N GLY A 36 -3.44 6.52 6.57
CA GLY A 36 -2.79 7.02 7.81
C GLY A 36 -3.68 6.70 9.01
N ASN A 37 -4.30 5.56 9.03
CA ASN A 37 -5.19 5.19 10.17
C ASN A 37 -4.94 3.74 10.57
N GLN A 38 -4.93 2.84 9.61
CA GLN A 38 -4.71 1.41 9.94
C GLN A 38 -3.83 0.77 8.86
N CYS A 39 -3.04 -0.20 9.22
CA CYS A 39 -2.16 -0.86 8.22
C CYS A 39 -1.25 -1.86 8.93
N SER A 40 -1.06 -3.03 8.35
CA SER A 40 -0.19 -4.04 9.00
C SER A 40 0.43 -4.94 7.93
N ASP A 41 1.44 -5.70 8.28
CA ASP A 41 2.08 -6.59 7.29
C ASP A 41 1.02 -7.49 6.65
N ASP A 42 0.02 -7.87 7.38
CA ASP A 42 -1.04 -8.75 6.81
C ASP A 42 -1.82 -7.96 5.76
N TYR A 43 -2.29 -6.79 6.11
CA TYR A 43 -3.04 -5.97 5.13
C TYR A 43 -2.20 -5.83 3.86
N ILE A 44 -0.92 -5.69 4.01
CA ILE A 44 -0.03 -5.55 2.84
C ILE A 44 -0.30 -6.70 1.85
N ARG A 45 -0.44 -7.89 2.35
CA ARG A 45 -0.70 -9.05 1.44
C ARG A 45 -1.76 -8.65 0.42
N SER A 46 -2.85 -8.08 0.86
CA SER A 46 -3.92 -7.68 -0.10
C SER A 46 -3.50 -6.44 -0.88
N ALA A 47 -2.42 -5.82 -0.51
CA ALA A 47 -1.96 -4.61 -1.26
C ALA A 47 -0.84 -5.05 -2.20
N CYS A 48 -0.17 -6.10 -1.85
CA CYS A 48 0.91 -6.64 -2.71
C CYS A 48 0.39 -7.91 -3.40
N CYS A 49 0.01 -8.91 -2.65
CA CYS A 49 -0.50 -10.16 -3.28
C CYS A 49 -1.89 -10.50 -2.72
N PRO A 50 -2.86 -9.74 -3.13
CA PRO A 50 -4.26 -9.93 -2.70
C PRO A 50 -4.90 -11.08 -3.50
#